data_3NB3
#
_entry.id   3NB3
#
_cell.length_a   1
_cell.length_b   1
_cell.length_c   1
_cell.angle_alpha   90
_cell.angle_beta   90
_cell.angle_gamma   90
#
_symmetry.space_group_name_H-M   'P 1'
#
loop_
_entity.id
_entity.type
_entity.pdbx_description
1 polymer 'Outer membrane protein A'
2 polymer 'Outer membrane protein C'
#
loop_
_entity_poly.entity_id
_entity_poly.type
_entity_poly.pdbx_seq_one_letter_code
_entity_poly.pdbx_strand_id
1 'polypeptide(L)'
;MKKTAIAIAVALAGFATVAQAAPKDNTWYTGAKLGWSQYHDTGFINNNGPTHENKLGAGAFGGYQVNPYVGFEMGYDWLG
RMPYKGSVENGAYKAQGVQLTAKLGYPITDDLDIYTRLGGMVWRADTYSNVYGKNHDTGVSPVFAGGVEYAITPEIATRL
EYQWTNNIGDAHTIGTRPDNGMLSLGVSYRFGQGEAAPVVAPAPAPAPEVQTKHFTLKSDVLFNFNKATLKPEGQAALDQ
LYSQLSNLDPKDGSVVVLGYTDRIGSDAYNQGLSERRAQSVVDYLISKGIPADKISARGMGESNPVTGNTCDNVKQRAAL
IDCLAPDRRVEIEVKGIKDVVTQPQA
;
A,B,C
2 'polypeptide(L)'
;AEVYNKDGNKLDLYGKVDGLHYFSDNKDVDGDQTYMRLGFKGETQVTDQLTGYGQWEYQIQGNSAENENNSWTRVAFAGL
KFQDVGSFDYGRNYGVVYDVTSWTDVLPEFGGDTYGSDNFMQQRGNGFATYRNTDFFGLVDGLNFAVQYQGKNGNPSGEG
FTSGVTNNGRDALRQNGDGVGGSITYDYEGFGIGGAISSSKRTDAQNTAAYIGNGDRAETYTGGLKYDANNIYLAAQYTQ
TYNATRVGSLGWANKAQNFEAVAQYQFDFGLRPSLAYLQSKGKNLGRGYDDEDILKYVDVGATYYFNKNMSTYVDYKINL
LDDNQFTRDAGINTDNIVALGLVYQF
;
D
#
# COMPACT_ATOMS: atom_id res chain seq x y z
N ALA A 22 16.23 52.40 -43.56
CA ALA A 22 15.49 51.57 -44.56
C ALA A 22 14.01 51.51 -44.23
N PRO A 23 13.18 51.22 -45.21
CA PRO A 23 11.77 50.98 -45.02
C PRO A 23 11.57 49.94 -43.92
N LYS A 24 10.43 49.99 -43.27
CA LYS A 24 10.04 49.06 -42.22
C LYS A 24 10.10 47.62 -42.70
N ASP A 25 10.40 46.69 -41.79
CA ASP A 25 10.48 45.28 -42.16
C ASP A 25 9.15 44.84 -42.76
N ASN A 26 9.17 44.03 -43.78
CA ASN A 26 7.99 43.46 -44.42
C ASN A 26 7.06 44.54 -44.93
N THR A 27 7.63 45.55 -45.60
CA THR A 27 6.82 46.61 -46.16
C THR A 27 7.35 46.94 -47.55
N TRP A 28 6.55 47.63 -48.33
CA TRP A 28 6.80 47.93 -49.72
C TRP A 28 7.02 49.42 -49.95
N TYR A 29 7.64 49.69 -51.08
CA TYR A 29 7.91 51.04 -51.52
C TYR A 29 7.95 51.12 -53.03
N THR A 30 7.79 52.35 -53.52
CA THR A 30 7.77 52.59 -54.95
C THR A 30 8.43 53.95 -55.19
N GLY A 31 9.11 54.05 -56.31
CA GLY A 31 9.85 55.29 -56.57
C GLY A 31 10.08 55.55 -58.05
N ALA A 32 10.68 56.72 -58.29
CA ALA A 32 10.94 57.11 -59.65
C ALA A 32 12.32 57.76 -59.61
N LYS A 33 12.94 57.78 -60.75
CA LYS A 33 14.28 58.35 -60.90
C LYS A 33 14.46 59.07 -62.22
N LEU A 34 15.52 59.86 -62.25
CA LEU A 34 16.05 60.52 -63.43
C LEU A 34 17.47 59.93 -63.56
N GLY A 35 17.84 59.62 -64.79
CA GLY A 35 19.12 59.01 -65.00
C GLY A 35 19.92 59.66 -66.11
N TRP A 36 21.21 59.38 -66.06
CA TRP A 36 22.16 59.95 -66.99
C TRP A 36 23.33 58.98 -67.22
N SER A 37 23.68 58.79 -68.48
CA SER A 37 24.89 58.00 -68.79
C SER A 37 25.60 58.63 -69.97
N GLN A 38 26.88 58.31 -70.11
CA GLN A 38 27.76 58.62 -71.22
C GLN A 38 28.22 57.35 -71.93
N HIS A 52 29.87 64.14 -79.13
CA HIS A 52 30.03 63.25 -78.00
C HIS A 52 28.75 62.47 -77.71
N GLU A 53 28.55 62.04 -76.45
CA GLU A 53 27.39 61.26 -76.14
C GLU A 53 26.78 61.36 -74.76
N ASN A 54 25.69 62.03 -74.58
CA ASN A 54 25.03 62.02 -73.29
C ASN A 54 23.67 61.40 -73.50
N LYS A 55 23.23 60.57 -72.55
CA LYS A 55 21.90 60.00 -72.60
C LYS A 55 21.18 60.37 -71.30
N LEU A 56 19.93 60.73 -71.37
CA LEU A 56 19.17 61.08 -70.18
C LEU A 56 17.85 60.34 -70.30
N GLY A 57 17.28 60.06 -69.14
CA GLY A 57 16.00 59.36 -69.13
C GLY A 57 15.49 59.31 -67.70
N ALA A 58 14.66 58.31 -67.48
CA ALA A 58 14.00 58.18 -66.20
C ALA A 58 13.66 56.71 -65.97
N GLY A 59 13.15 56.46 -64.78
CA GLY A 59 12.82 55.10 -64.41
C GLY A 59 11.89 55.07 -63.22
N ALA A 60 11.48 53.84 -62.94
CA ALA A 60 10.61 53.58 -61.83
C ALA A 60 11.14 52.31 -61.17
N PHE A 61 10.87 52.23 -59.87
CA PHE A 61 11.29 51.04 -59.14
C PHE A 61 10.27 50.77 -58.05
N GLY A 62 10.23 49.49 -57.67
CA GLY A 62 9.37 49.10 -56.56
C GLY A 62 10.14 48.06 -55.74
N GLY A 63 9.91 48.02 -54.43
CA GLY A 63 10.65 47.06 -53.65
C GLY A 63 9.93 46.61 -52.41
N TYR A 64 10.50 45.58 -51.81
CA TYR A 64 9.99 44.96 -50.59
C TYR A 64 11.18 44.87 -49.64
N GLN A 65 11.02 45.44 -48.47
CA GLN A 65 12.10 45.40 -47.50
C GLN A 65 11.86 44.26 -46.53
N VAL A 66 12.89 43.47 -46.27
CA VAL A 66 12.84 42.37 -45.32
C VAL A 66 13.21 42.83 -43.92
N ASN A 67 14.35 43.48 -43.83
CA ASN A 67 14.88 43.93 -42.55
C ASN A 67 15.72 45.17 -42.81
N PRO A 68 16.32 45.79 -41.82
CA PRO A 68 17.04 47.02 -42.08
C PRO A 68 18.17 46.97 -43.07
N TYR A 69 18.66 45.78 -43.43
CA TYR A 69 19.78 45.60 -44.30
C TYR A 69 19.45 45.00 -45.66
N VAL A 70 18.28 44.37 -45.78
CA VAL A 70 17.98 43.62 -46.98
C VAL A 70 16.59 43.89 -47.54
N GLY A 71 16.59 44.20 -48.83
CA GLY A 71 15.38 44.40 -49.57
C GLY A 71 15.61 43.84 -50.97
N PHE A 72 14.51 43.79 -51.70
CA PHE A 72 14.54 43.34 -53.08
C PHE A 72 13.81 44.36 -53.94
N GLU A 73 14.28 44.58 -55.16
CA GLU A 73 13.67 45.58 -56.02
C GLU A 73 13.56 45.15 -57.47
N MET A 74 12.55 45.75 -58.10
CA MET A 74 12.36 45.57 -59.53
C MET A 74 12.34 46.99 -60.10
N GLY A 75 13.11 47.15 -61.13
CA GLY A 75 13.17 48.48 -61.74
C GLY A 75 13.02 48.44 -63.27
N TYR A 76 12.62 49.58 -63.79
CA TYR A 76 12.51 49.85 -65.22
C TYR A 76 13.16 51.23 -65.42
N ASP A 77 14.05 51.36 -66.36
CA ASP A 77 14.64 52.63 -66.69
C ASP A 77 14.75 52.73 -68.21
N TRP A 78 14.75 53.95 -68.69
CA TRP A 78 15.00 54.18 -70.11
C TRP A 78 16.04 55.32 -70.19
N LEU A 79 16.77 55.37 -71.28
CA LEU A 79 17.75 56.39 -71.58
C LEU A 79 17.63 56.77 -73.05
N GLY A 80 17.72 58.06 -73.35
CA GLY A 80 17.62 58.51 -74.74
C GLY A 80 18.80 59.44 -75.01
N ARG A 81 19.30 59.40 -76.23
CA ARG A 81 20.45 60.22 -76.61
C ARG A 81 19.98 61.65 -76.82
N MET A 82 20.75 62.57 -76.25
CA MET A 82 20.40 63.98 -76.40
C MET A 82 21.16 64.49 -77.61
N PRO A 83 20.53 65.41 -78.31
CA PRO A 83 21.10 66.05 -79.47
C PRO A 83 22.45 66.72 -79.22
N TYR A 84 23.36 66.62 -80.17
CA TYR A 84 24.70 67.18 -80.18
C TYR A 84 25.42 67.08 -78.84
N ALA A 92 16.89 58.35 -83.06
CA ALA A 92 16.58 57.42 -82.00
C ALA A 92 17.75 56.51 -81.63
N TYR A 93 18.39 56.95 -80.46
CA TYR A 93 19.17 55.93 -79.72
C TYR A 93 18.48 55.99 -78.37
N LYS A 94 17.90 54.89 -78.07
CA LYS A 94 17.10 54.74 -76.88
C LYS A 94 17.45 53.36 -76.32
N ALA A 95 17.56 53.26 -75.01
CA ALA A 95 17.80 51.99 -74.33
C ALA A 95 16.78 51.89 -73.20
N GLN A 96 16.35 50.68 -72.90
CA GLN A 96 15.40 50.41 -71.85
C GLN A 96 15.85 49.13 -71.14
N GLY A 97 15.55 49.03 -69.86
CA GLY A 97 15.92 47.81 -69.13
C GLY A 97 14.97 47.58 -67.98
N VAL A 98 14.78 46.28 -67.74
CA VAL A 98 13.97 45.87 -66.59
C VAL A 98 14.93 45.03 -65.77
N GLN A 99 14.94 45.26 -64.46
CA GLN A 99 15.88 44.56 -63.59
C GLN A 99 15.24 44.10 -62.30
N LEU A 100 15.86 43.08 -61.73
CA LEU A 100 15.43 42.47 -60.47
C LEU A 100 16.72 42.30 -59.67
N THR A 101 16.73 42.93 -58.49
CA THR A 101 17.95 42.88 -57.72
C THR A 101 17.68 42.74 -56.22
N ALA A 102 18.72 42.21 -55.60
CA ALA A 102 18.83 42.23 -54.13
C ALA A 102 19.49 43.55 -53.77
N LYS A 103 19.02 44.16 -52.70
CA LYS A 103 19.52 45.42 -52.17
C LYS A 103 19.98 45.21 -50.73
N LEU A 104 21.31 45.38 -50.55
CA LEU A 104 21.89 45.21 -49.22
C LEU A 104 22.39 46.59 -48.78
N GLY A 105 22.07 46.93 -47.55
CA GLY A 105 22.48 48.25 -47.11
C GLY A 105 22.78 48.30 -45.62
N TYR A 106 23.30 49.46 -45.25
CA TYR A 106 23.54 49.68 -43.84
C TYR A 106 23.45 51.15 -43.51
N PRO A 107 23.00 51.43 -42.31
CA PRO A 107 22.83 52.81 -41.89
C PRO A 107 24.17 53.44 -41.58
N ILE A 108 24.49 54.53 -42.22
CA ILE A 108 25.66 55.34 -41.93
C ILE A 108 25.21 56.23 -40.78
N THR A 109 23.97 56.68 -40.89
CA THR A 109 23.37 57.51 -39.87
C THR A 109 21.92 57.11 -39.67
N ASP A 110 21.18 57.73 -38.77
CA ASP A 110 19.78 57.32 -38.67
C ASP A 110 19.02 57.60 -39.96
N ASP A 111 19.41 58.65 -40.65
CA ASP A 111 18.69 59.03 -41.86
C ASP A 111 19.32 58.54 -43.17
N LEU A 112 20.60 58.22 -43.14
CA LEU A 112 21.30 57.84 -44.34
C LEU A 112 21.72 56.37 -44.40
N ASP A 113 21.38 55.70 -45.48
CA ASP A 113 21.86 54.36 -45.71
C ASP A 113 22.78 54.40 -46.91
N ILE A 114 23.78 53.54 -46.85
CA ILE A 114 24.62 53.26 -48.00
C ILE A 114 24.07 51.90 -48.46
N TYR A 115 24.04 51.65 -49.76
CA TYR A 115 23.54 50.38 -50.22
C TYR A 115 24.16 49.97 -51.54
N THR A 116 24.04 48.67 -51.78
CA THR A 116 24.44 48.10 -53.04
C THR A 116 23.26 47.28 -53.53
N ARG A 117 23.19 47.13 -54.85
CA ARG A 117 22.20 46.29 -55.49
C ARG A 117 22.91 45.36 -56.46
N LEU A 118 22.42 44.14 -56.50
CA LEU A 118 22.98 43.20 -57.46
C LEU A 118 21.90 42.26 -57.94
N GLY A 119 21.95 42.01 -59.27
CA GLY A 119 20.94 41.14 -59.85
C GLY A 119 21.11 41.10 -61.36
N GLY A 120 19.98 41.03 -62.02
CA GLY A 120 20.01 40.93 -63.48
C GLY A 120 19.07 41.91 -64.15
N MET A 121 19.39 42.17 -65.42
CA MET A 121 18.60 43.07 -66.21
C MET A 121 18.44 42.52 -67.63
N VAL A 122 17.24 42.67 -68.13
CA VAL A 122 16.84 42.39 -69.49
C VAL A 122 16.72 43.74 -70.17
N TRP A 123 17.51 43.90 -71.22
CA TRP A 123 17.49 45.21 -71.86
C TRP A 123 17.17 45.17 -73.35
N ARG A 124 16.83 46.34 -73.86
CA ARG A 124 16.57 46.54 -75.29
C ARG A 124 17.11 47.90 -75.69
N ALA A 125 17.86 47.97 -76.76
CA ALA A 125 18.41 49.21 -77.28
C ALA A 125 17.88 49.36 -78.71
N ASP A 126 17.23 50.51 -78.96
CA ASP A 126 16.67 50.80 -80.27
C ASP A 126 17.47 51.88 -80.95
N THR A 127 17.70 51.69 -82.24
CA THR A 127 18.46 52.57 -83.09
C THR A 127 17.61 53.00 -84.27
N TYR A 128 18.07 54.08 -84.87
CA TYR A 128 17.51 54.74 -86.03
C TYR A 128 18.62 55.21 -86.96
N SER A 129 18.80 54.49 -88.05
CA SER A 129 19.81 54.86 -89.03
C SER A 129 19.09 55.43 -90.24
N ASN A 130 19.76 56.17 -91.11
CA ASN A 130 19.12 56.77 -92.28
C ASN A 130 19.31 55.92 -93.53
N VAL A 131 20.25 55.02 -93.38
CA VAL A 131 20.61 54.09 -94.43
C VAL A 131 19.84 52.79 -94.22
N TYR A 132 19.97 52.24 -93.02
CA TYR A 132 19.36 50.97 -92.67
C TYR A 132 18.06 50.98 -91.91
N GLY A 133 17.42 52.10 -91.65
CA GLY A 133 16.15 52.14 -90.95
C GLY A 133 16.32 51.87 -89.45
N LYS A 134 15.20 51.50 -88.83
CA LYS A 134 15.21 51.15 -87.42
C LYS A 134 15.87 49.80 -87.13
N ASN A 135 16.45 49.69 -85.93
CA ASN A 135 17.04 48.43 -85.52
C ASN A 135 16.97 48.30 -84.01
N HIS A 136 17.17 47.09 -83.49
CA HIS A 136 17.17 46.95 -82.03
C HIS A 136 17.89 45.64 -81.72
N ASP A 137 18.40 45.59 -80.50
CA ASP A 137 19.13 44.48 -79.93
C ASP A 137 18.61 44.38 -78.49
N THR A 138 18.59 43.15 -78.01
CA THR A 138 18.15 42.77 -76.70
C THR A 138 19.20 41.87 -76.05
N GLY A 139 19.15 41.87 -74.71
CA GLY A 139 20.13 41.03 -74.01
C GLY A 139 19.77 40.91 -72.53
N VAL A 140 20.54 40.07 -71.86
CA VAL A 140 20.40 39.86 -70.42
C VAL A 140 21.81 40.04 -69.86
N SER A 141 21.84 40.73 -68.72
CA SER A 141 23.14 40.99 -68.13
C SER A 141 23.06 41.13 -66.62
N PRO A 142 24.14 40.82 -65.93
CA PRO A 142 24.17 41.12 -64.51
C PRO A 142 24.10 42.65 -64.43
N VAL A 143 23.62 43.15 -63.29
CA VAL A 143 23.52 44.57 -63.03
C VAL A 143 23.87 44.81 -61.57
N PHE A 144 24.63 45.88 -61.34
CA PHE A 144 25.09 46.24 -60.00
C PHE A 144 24.81 47.71 -59.73
N ALA A 145 24.72 48.08 -58.45
CA ALA A 145 24.64 49.49 -58.17
C ALA A 145 25.19 49.77 -56.77
N GLY A 146 25.60 51.04 -56.59
CA GLY A 146 25.97 51.51 -55.27
C GLY A 146 25.25 52.85 -55.12
N GLY A 147 24.81 53.11 -53.90
CA GLY A 147 24.14 54.38 -53.73
C GLY A 147 23.99 54.77 -52.27
N VAL A 148 23.36 55.91 -52.08
CA VAL A 148 23.03 56.39 -50.74
C VAL A 148 21.54 56.75 -50.82
N GLU A 149 20.85 56.49 -49.74
CA GLU A 149 19.42 56.81 -49.62
C GLU A 149 19.19 57.58 -48.33
N TYR A 150 18.49 58.69 -48.46
CA TYR A 150 18.20 59.59 -47.40
C TYR A 150 16.71 59.54 -47.05
N ALA A 151 16.39 59.16 -45.84
CA ALA A 151 15.00 59.13 -45.42
C ALA A 151 14.67 60.52 -44.91
N ILE A 152 13.94 61.29 -45.68
CA ILE A 152 13.54 62.65 -45.38
C ILE A 152 12.48 62.60 -44.31
N THR A 153 11.50 61.74 -44.53
CA THR A 153 10.42 61.46 -43.60
C THR A 153 10.22 59.95 -43.56
N PRO A 154 9.35 59.42 -42.71
CA PRO A 154 9.13 57.99 -42.71
C PRO A 154 8.57 57.48 -44.03
N GLU A 155 7.91 58.33 -44.81
CA GLU A 155 7.28 57.96 -46.04
C GLU A 155 8.12 58.28 -47.27
N ILE A 156 9.07 59.20 -47.18
CA ILE A 156 9.77 59.71 -48.35
C ILE A 156 11.28 59.61 -48.23
N ALA A 157 11.88 59.01 -49.24
CA ALA A 157 13.32 58.89 -49.26
C ALA A 157 13.83 59.26 -50.65
N THR A 158 15.00 59.87 -50.66
CA THR A 158 15.65 60.15 -51.92
C THR A 158 16.87 59.24 -52.01
N ARG A 159 17.31 59.03 -53.23
CA ARG A 159 18.52 58.22 -53.46
C ARG A 159 19.32 58.82 -54.59
N LEU A 160 20.61 58.53 -54.47
CA LEU A 160 21.64 58.91 -55.43
C LEU A 160 22.39 57.60 -55.69
N GLU A 161 22.48 57.22 -56.97
CA GLU A 161 23.02 55.91 -57.25
C GLU A 161 23.85 55.89 -58.52
N TYR A 162 24.84 54.98 -58.48
CA TYR A 162 25.63 54.72 -59.66
C TYR A 162 25.36 53.22 -59.94
N GLN A 163 24.96 52.90 -61.16
CA GLN A 163 24.67 51.57 -61.61
C GLN A 163 25.58 51.17 -62.76
N TRP A 164 26.05 49.94 -62.75
CA TRP A 164 26.87 49.45 -63.84
C TRP A 164 26.57 47.99 -64.15
N THR A 165 27.15 47.61 -65.29
CA THR A 165 26.96 46.21 -65.65
C THR A 165 28.28 45.57 -66.08
N ASN A 166 28.17 44.33 -66.54
CA ASN A 166 29.32 43.69 -67.16
C ASN A 166 28.81 42.56 -68.05
N GLY A 181 28.32 53.21 -67.18
CA GLY A 181 27.41 53.20 -66.06
C GLY A 181 26.33 54.28 -66.15
N MET A 182 25.40 54.28 -65.20
CA MET A 182 24.33 55.26 -65.18
C MET A 182 24.21 55.86 -63.77
N LEU A 183 24.23 57.17 -63.72
CA LEU A 183 24.04 57.89 -62.46
C LEU A 183 22.56 58.22 -62.43
N SER A 184 22.00 58.21 -61.23
CA SER A 184 20.59 58.53 -61.12
C SER A 184 20.29 59.15 -59.76
N LEU A 185 19.19 59.93 -59.75
CA LEU A 185 18.64 60.54 -58.56
C LEU A 185 17.18 60.10 -58.54
N GLY A 186 16.68 59.80 -57.37
CA GLY A 186 15.32 59.35 -57.27
C GLY A 186 14.67 59.71 -55.95
N VAL A 187 13.38 59.39 -55.95
CA VAL A 187 12.57 59.58 -54.77
C VAL A 187 11.64 58.37 -54.68
N SER A 188 11.40 57.93 -53.45
CA SER A 188 10.47 56.84 -53.24
C SER A 188 9.55 57.20 -52.09
N TYR A 189 8.42 56.49 -52.20
CA TYR A 189 7.34 56.53 -51.25
C TYR A 189 7.27 55.18 -50.57
N ARG A 190 7.29 55.18 -49.25
CA ARG A 190 7.23 54.00 -48.41
C ARG A 190 5.83 53.82 -47.87
N PHE A 191 5.22 52.69 -48.23
CA PHE A 191 3.85 52.41 -47.79
C PHE A 191 3.77 52.10 -46.31
N GLY A 192 4.81 51.55 -45.71
CA GLY A 192 4.78 51.27 -44.29
C GLY A 192 3.88 50.11 -43.90
N ALA B 22 0.21 16.60 -3.27
CA ALA B 22 -0.98 17.14 -3.98
C ALA B 22 -1.46 16.18 -5.06
N PRO B 23 -2.71 16.29 -5.46
CA PRO B 23 -3.25 15.55 -6.58
C PRO B 23 -2.37 15.77 -7.80
N LYS B 24 -2.38 14.81 -8.72
CA LYS B 24 -1.65 14.84 -9.96
C LYS B 24 -1.96 16.10 -10.76
N ASP B 25 -0.98 16.58 -11.53
CA ASP B 25 -1.20 17.77 -12.34
C ASP B 25 -2.38 17.53 -13.29
N ASN B 26 -3.21 18.52 -13.50
CA ASN B 26 -4.34 18.48 -14.43
C ASN B 26 -5.31 17.36 -14.08
N THR B 27 -5.62 17.23 -12.78
CA THR B 27 -6.57 16.22 -12.36
C THR B 27 -7.51 16.83 -11.33
N TRP B 28 -8.61 16.17 -11.09
CA TRP B 28 -9.69 16.63 -10.25
C TRP B 28 -9.84 15.78 -9.00
N TYR B 29 -10.51 16.40 -8.04
CA TYR B 29 -10.80 15.75 -6.77
C TYR B 29 -12.09 16.30 -6.17
N THR B 30 -12.64 15.52 -5.25
CA THR B 30 -13.89 15.88 -4.61
C THR B 30 -13.82 15.39 -3.17
N GLY B 31 -14.44 16.15 -2.29
CA GLY B 31 -14.35 15.80 -0.87
C GLY B 31 -15.52 16.32 -0.04
N ALA B 32 -15.46 15.91 1.23
CA ALA B 32 -16.51 16.32 2.13
C ALA B 32 -15.80 16.64 3.45
N LYS B 33 -16.47 17.44 4.24
CA LYS B 33 -15.93 17.86 5.53
C LYS B 33 -17.01 17.97 6.58
N LEU B 34 -16.54 18.03 7.83
CA LEU B 34 -17.31 18.33 9.02
C LEU B 34 -16.66 19.62 9.54
N GLY B 35 -17.53 20.54 9.98
CA GLY B 35 -17.02 21.81 10.42
C GLY B 35 -17.60 22.24 11.76
N TRP B 36 -16.88 23.17 12.36
CA TRP B 36 -17.21 23.68 13.68
C TRP B 36 -16.78 25.13 13.81
N SER B 37 -17.68 25.97 14.32
CA SER B 37 -17.29 27.35 14.63
C SER B 37 -17.97 27.78 15.93
N GLN B 38 -17.42 28.80 16.55
CA GLN B 38 -17.94 29.52 17.71
C GLN B 38 -18.26 30.98 17.35
N HIS B 52 -23.91 29.85 25.57
CA HIS B 52 -22.80 30.15 24.66
C HIS B 52 -23.18 29.85 23.21
N GLU B 53 -22.18 29.56 22.37
CA GLU B 53 -22.48 29.31 20.97
C GLU B 53 -21.60 28.36 20.19
N ASN B 54 -22.02 27.17 19.92
CA ASN B 54 -21.25 26.29 19.07
C ASN B 54 -22.11 26.03 17.84
N LYS B 55 -21.48 25.98 16.67
CA LYS B 55 -22.19 25.64 15.44
C LYS B 55 -21.44 24.46 14.82
N LEU B 56 -22.16 23.49 14.30
CA LEU B 56 -21.53 22.34 13.66
C LEU B 56 -22.28 22.15 12.35
N GLY B 57 -21.56 21.57 11.40
CA GLY B 57 -22.17 21.31 10.11
C GLY B 57 -21.20 20.50 9.27
N ALA B 58 -21.39 20.65 7.97
CA ALA B 58 -20.62 19.86 7.02
C ALA B 58 -20.54 20.62 5.71
N GLY B 59 -19.76 20.04 4.82
CA GLY B 59 -19.56 20.67 3.52
C GLY B 59 -19.00 19.69 2.52
N ALA B 60 -18.92 20.23 1.30
CA ALA B 60 -18.40 19.48 0.19
C ALA B 60 -17.50 20.44 -0.58
N PHE B 61 -16.52 19.85 -1.26
CA PHE B 61 -15.64 20.66 -2.07
C PHE B 61 -15.20 19.83 -3.27
N GLY B 62 -14.84 20.58 -4.31
CA GLY B 62 -14.31 19.94 -5.50
C GLY B 62 -13.16 20.81 -6.03
N GLY B 63 -12.17 20.20 -6.64
CA GLY B 63 -11.06 21.01 -7.10
C GLY B 63 -10.35 20.44 -8.29
N TYR B 64 -9.49 21.28 -8.86
CA TYR B 64 -8.68 20.94 -10.02
C TYR B 64 -7.25 21.35 -9.66
N GLN B 65 -6.35 20.39 -9.77
CA GLN B 65 -4.98 20.70 -9.43
C GLN B 65 -4.21 21.00 -10.72
N VAL B 66 -3.44 22.06 -10.69
CA VAL B 66 -2.60 22.45 -11.82
C VAL B 66 -1.23 21.80 -11.75
N ASN B 67 -0.59 21.97 -10.60
CA ASN B 67 0.76 21.47 -10.38
C ASN B 67 0.91 21.17 -8.91
N PRO B 68 2.04 20.71 -8.43
CA PRO B 68 2.13 20.34 -7.02
C PRO B 68 1.85 21.43 -6.02
N TYR B 69 1.85 22.70 -6.43
CA TYR B 69 1.67 23.82 -5.54
C TYR B 69 0.37 24.58 -5.71
N VAL B 70 -0.29 24.39 -6.84
CA VAL B 70 -1.46 25.20 -7.15
C VAL B 70 -2.65 24.40 -7.65
N GLY B 71 -3.77 24.68 -7.00
CA GLY B 71 -5.04 24.12 -7.37
C GLY B 71 -6.10 25.19 -7.14
N PHE B 72 -7.29 24.86 -7.62
CA PHE B 72 -8.44 25.74 -7.45
C PHE B 72 -9.58 24.91 -6.90
N GLU B 73 -10.41 25.50 -6.04
CA GLU B 73 -11.49 24.75 -5.44
C GLU B 73 -12.79 25.55 -5.32
N MET B 74 -13.87 24.77 -5.32
CA MET B 74 -15.19 25.33 -5.08
C MET B 74 -15.75 24.54 -3.91
N GLY B 75 -16.25 25.27 -2.95
CA GLY B 75 -16.79 24.58 -1.78
C GLY B 75 -18.18 25.11 -1.40
N TYR B 76 -18.88 24.27 -0.68
CA TYR B 76 -20.18 24.55 -0.07
C TYR B 76 -20.08 24.02 1.37
N ASP B 77 -20.44 24.82 2.34
CA ASP B 77 -20.47 24.38 3.71
C ASP B 77 -21.73 24.97 4.37
N TRP B 78 -22.21 24.27 5.39
CA TRP B 78 -23.30 24.80 6.20
C TRP B 78 -22.89 24.62 7.66
N LEU B 79 -23.46 25.44 8.52
CA LEU B 79 -23.26 25.39 9.97
C LEU B 79 -24.59 25.61 10.65
N GLY B 80 -24.87 24.87 11.71
CA GLY B 80 -26.13 25.02 12.43
C GLY B 80 -25.80 25.16 13.91
N ARG B 81 -26.59 25.94 14.61
CA ARG B 81 -26.37 26.17 16.03
C ARG B 81 -26.85 24.96 16.82
N MET B 82 -26.01 24.53 17.75
CA MET B 82 -26.37 23.38 18.57
C MET B 82 -27.05 23.92 19.81
N PRO B 83 -28.02 23.16 20.28
CA PRO B 83 -28.75 23.49 21.49
C PRO B 83 -27.88 23.71 22.72
N TYR B 84 -28.22 24.69 23.55
CA TYR B 84 -27.58 25.06 24.80
C TYR B 84 -26.05 25.04 24.72
N ALA B 92 -33.64 27.90 14.66
CA ALA B 92 -32.85 27.97 13.46
C ALA B 92 -31.89 29.17 13.43
N TYR B 93 -30.59 28.79 13.76
CA TYR B 93 -29.50 29.69 13.29
C TYR B 93 -28.70 28.72 12.44
N LYS B 94 -28.69 29.05 11.21
CA LYS B 94 -28.07 28.23 10.18
C LYS B 94 -27.36 29.20 9.26
N ALA B 95 -26.17 28.83 8.81
CA ALA B 95 -25.42 29.61 7.85
C ALA B 95 -24.95 28.67 6.75
N GLN B 96 -24.86 29.16 5.53
CA GLN B 96 -24.43 28.39 4.38
C GLN B 96 -23.53 29.30 3.53
N GLY B 97 -22.58 28.70 2.84
CA GLY B 97 -21.71 29.51 1.99
C GLY B 97 -21.20 28.68 0.84
N VAL B 98 -21.03 29.39 -0.29
CA VAL B 98 -20.44 28.78 -1.46
C VAL B 98 -19.21 29.63 -1.72
N GLN B 99 -18.09 28.96 -2.00
CA GLN B 99 -16.84 29.67 -2.19
C GLN B 99 -16.03 29.14 -3.36
N LEU B 100 -15.18 30.01 -3.87
CA LEU B 100 -14.29 29.70 -4.99
C LEU B 100 -12.94 30.28 -4.58
N THR B 101 -11.95 29.39 -4.52
CA THR B 101 -10.66 29.84 -4.05
C THR B 101 -9.50 29.20 -4.82
N ALA B 102 -8.41 29.94 -4.75
CA ALA B 102 -7.10 29.44 -5.17
C ALA B 102 -6.51 28.74 -3.94
N LYS B 103 -5.85 27.61 -4.19
CA LYS B 103 -5.21 26.81 -3.16
C LYS B 103 -3.72 26.68 -3.50
N LEU B 104 -2.90 27.26 -2.62
CA LEU B 104 -1.45 27.21 -2.81
C LEU B 104 -0.89 26.36 -1.68
N GLY B 105 0.00 25.46 -2.07
CA GLY B 105 0.53 24.58 -1.04
C GLY B 105 1.96 24.16 -1.32
N TYR B 106 2.49 23.50 -0.31
CA TYR B 106 3.81 22.92 -0.47
C TYR B 106 3.99 21.70 0.38
N PRO B 107 4.78 20.77 -0.11
CA PRO B 107 4.99 19.53 0.61
C PRO B 107 5.93 19.75 1.78
N ILE B 108 5.49 19.39 2.97
CA ILE B 108 6.28 19.40 4.18
C ILE B 108 7.02 18.05 4.12
N THR B 109 6.27 17.05 3.68
CA THR B 109 6.80 15.71 3.54
C THR B 109 6.26 15.08 2.28
N ASP B 110 6.62 13.85 1.94
CA ASP B 110 6.01 13.29 0.75
C ASP B 110 4.50 13.13 0.89
N ASP B 111 4.06 12.88 2.11
CA ASP B 111 2.64 12.66 2.33
C ASP B 111 1.86 13.88 2.83
N LEU B 112 2.55 14.84 3.40
CA LEU B 112 1.89 15.99 3.98
C LEU B 112 2.12 17.30 3.25
N ASP B 113 1.04 17.99 2.94
CA ASP B 113 1.16 19.32 2.37
C ASP B 113 0.58 20.30 3.39
N ILE B 114 1.18 21.46 3.39
CA ILE B 114 0.64 22.60 4.10
C ILE B 114 0.02 23.43 2.98
N TYR B 115 -1.10 24.09 3.22
CA TYR B 115 -1.70 24.88 2.16
C TYR B 115 -2.49 26.04 2.73
N THR B 116 -2.70 26.98 1.82
CA THR B 116 -3.56 28.12 2.10
C THR B 116 -4.54 28.20 0.95
N ARG B 117 -5.72 28.77 1.26
CA ARG B 117 -6.73 29.03 0.26
C ARG B 117 -7.16 30.48 0.38
N LEU B 118 -7.39 31.08 -0.76
CA LEU B 118 -7.89 32.46 -0.76
C LEU B 118 -8.81 32.68 -1.93
N GLY B 119 -9.92 33.39 -1.61
CA GLY B 119 -10.89 33.65 -2.67
C GLY B 119 -12.09 34.35 -2.06
N GLY B 120 -13.23 34.00 -2.61
CA GLY B 120 -14.47 34.64 -2.17
C GLY B 120 -15.58 33.65 -1.85
N MET B 121 -16.51 34.14 -1.05
CA MET B 121 -17.64 33.34 -0.63
C MET B 121 -18.91 34.18 -0.65
N VAL B 122 -19.96 33.57 -1.14
CA VAL B 122 -21.33 34.06 -1.11
C VAL B 122 -22.03 33.28 -0.01
N TRP B 123 -22.53 34.04 0.96
CA TRP B 123 -23.14 33.33 2.08
C TRP B 123 -24.59 33.75 2.36
N ARG B 124 -25.24 32.92 3.13
CA ARG B 124 -26.62 33.16 3.57
C ARG B 124 -26.74 32.66 5.01
N ALA B 125 -27.29 33.46 5.90
CA ALA B 125 -27.50 33.09 7.28
C ALA B 125 -29.02 33.22 7.54
N ASP B 126 -29.60 32.12 8.01
CA ASP B 126 -31.03 32.09 8.31
C ASP B 126 -31.26 32.05 9.80
N THR B 127 -32.24 32.82 10.24
CA THR B 127 -32.61 32.96 11.64
C THR B 127 -34.08 32.60 11.80
N TYR B 128 -34.42 32.34 13.04
CA TYR B 128 -35.73 31.97 13.55
C TYR B 128 -35.97 32.65 14.89
N SER B 129 -36.79 33.69 14.86
CA SER B 129 -37.13 34.39 16.09
C SER B 129 -38.56 34.03 16.45
N ASN B 130 -39.00 34.24 17.68
CA ASN B 130 -40.35 33.87 18.09
C ASN B 130 -41.30 35.07 18.04
N VAL B 131 -40.65 36.22 17.96
CA VAL B 131 -41.33 37.49 17.89
C VAL B 131 -41.50 37.89 16.42
N TYR B 132 -40.38 37.89 15.71
CA TYR B 132 -40.32 38.31 14.32
C TYR B 132 -40.33 37.26 13.25
N GLY B 133 -40.48 35.97 13.54
CA GLY B 133 -40.53 34.92 12.54
C GLY B 133 -39.14 34.65 11.95
N LYS B 134 -39.16 34.03 10.77
CA LYS B 134 -37.94 33.72 10.05
C LYS B 134 -37.29 34.97 9.44
N ASN B 135 -35.96 34.93 9.32
CA ASN B 135 -35.25 36.01 8.66
C ASN B 135 -33.99 35.48 8.02
N HIS B 136 -33.39 36.26 7.12
CA HIS B 136 -32.12 35.81 6.53
C HIS B 136 -31.42 37.04 5.96
N ASP B 137 -30.12 36.91 5.83
CA ASP B 137 -29.21 37.92 5.33
C ASP B 137 -28.23 37.13 4.45
N THR B 138 -27.78 37.80 3.40
CA THR B 138 -26.86 37.32 2.42
C THR B 138 -25.73 38.33 2.24
N GLY B 139 -24.60 37.78 1.75
CA GLY B 139 -23.47 38.68 1.55
C GLY B 139 -22.37 38.00 0.74
N VAL B 140 -21.37 38.79 0.40
CA VAL B 140 -20.19 38.31 -0.31
C VAL B 140 -19.01 38.78 0.50
N SER B 141 -18.03 37.87 0.63
CA SER B 141 -16.88 38.23 1.42
C SER B 141 -15.61 37.50 0.96
N PRO B 142 -14.47 38.09 1.18
CA PRO B 142 -13.24 37.34 0.94
C PRO B 142 -13.28 36.17 1.94
N VAL B 143 -12.57 35.10 1.59
CA VAL B 143 -12.46 33.93 2.44
C VAL B 143 -11.03 33.40 2.33
N PHE B 144 -10.50 33.00 3.48
CA PHE B 144 -9.13 32.50 3.56
C PHE B 144 -9.10 31.18 4.33
N ALA B 145 -8.06 30.37 4.09
CA ALA B 145 -7.92 29.21 4.94
C ALA B 145 -6.46 28.80 5.00
N GLY B 146 -6.14 28.06 6.08
CA GLY B 146 -4.85 27.44 6.20
C GLY B 146 -5.14 25.99 6.64
N GLY B 147 -4.33 25.09 6.13
CA GLY B 147 -4.57 23.72 6.53
C GLY B 147 -3.41 22.80 6.22
N VAL B 148 -3.63 21.54 6.56
CA VAL B 148 -2.66 20.48 6.23
C VAL B 148 -3.50 19.40 5.57
N GLU B 149 -2.92 18.76 4.58
CA GLU B 149 -3.55 17.66 3.87
C GLU B 149 -2.59 16.46 3.83
N TYR B 150 -3.12 15.32 4.22
CA TYR B 150 -2.39 14.09 4.29
C TYR B 150 -2.86 13.13 3.21
N ALA B 151 -1.96 12.75 2.32
CA ALA B 151 -2.31 11.79 1.29
C ALA B 151 -2.09 10.40 1.88
N ILE B 152 -3.16 9.72 2.21
CA ILE B 152 -3.17 8.41 2.82
C ILE B 152 -2.79 7.41 1.75
N THR B 153 -3.44 7.53 0.60
CA THR B 153 -3.18 6.75 -0.58
C THR B 153 -3.18 7.68 -1.78
N PRO B 154 -2.87 7.23 -2.98
CA PRO B 154 -2.92 8.12 -4.12
C PRO B 154 -4.32 8.67 -4.38
N GLU B 155 -5.35 7.97 -3.95
CA GLU B 155 -6.73 8.33 -4.19
C GLU B 155 -7.36 9.08 -3.01
N ILE B 156 -6.84 8.93 -1.80
CA ILE B 156 -7.52 9.43 -0.61
C ILE B 156 -6.64 10.35 0.23
N ALA B 157 -7.18 11.51 0.52
CA ALA B 157 -6.45 12.45 1.36
C ALA B 157 -7.40 13.02 2.41
N THR B 158 -6.83 13.28 3.58
CA THR B 158 -7.60 13.94 4.61
C THR B 158 -7.01 15.34 4.77
N ARG B 159 -7.84 16.21 5.32
CA ARG B 159 -7.37 17.57 5.59
C ARG B 159 -7.97 18.06 6.90
N LEU B 160 -7.19 18.97 7.47
CA LEU B 160 -7.51 19.68 8.69
C LEU B 160 -7.30 21.15 8.36
N GLU B 161 -8.33 21.97 8.56
CA GLU B 161 -8.24 23.32 8.09
C GLU B 161 -8.91 24.32 9.04
N TYR B 162 -8.33 25.52 9.01
CA TYR B 162 -8.93 26.63 9.71
C TYR B 162 -9.23 27.64 8.60
N GLN B 163 -10.48 28.11 8.53
CA GLN B 163 -10.95 29.07 7.57
C GLN B 163 -11.46 30.33 8.27
N TRP B 164 -11.16 31.47 7.69
CA TRP B 164 -11.66 32.72 8.23
C TRP B 164 -12.00 33.71 7.13
N THR B 165 -12.69 34.76 7.60
CA THR B 165 -13.02 35.79 6.64
C THR B 165 -12.70 37.17 7.17
N ASN B 166 -13.09 38.17 6.39
CA ASN B 166 -13.00 39.54 6.87
C ASN B 166 -13.98 40.39 6.07
N GLY B 181 -13.94 32.17 12.91
CA GLY B 181 -13.45 31.21 11.94
C GLY B 181 -14.12 29.84 12.04
N MET B 182 -13.79 28.94 11.14
CA MET B 182 -14.35 27.60 11.13
C MET B 182 -13.23 26.57 11.01
N LEU B 183 -13.23 25.61 11.93
CA LEU B 183 -12.28 24.51 11.89
C LEU B 183 -13.03 23.39 11.16
N SER B 184 -12.28 22.62 10.41
CA SER B 184 -12.92 21.51 9.71
C SER B 184 -11.94 20.37 9.50
N LEU B 185 -12.52 19.18 9.34
CA LEU B 185 -11.80 17.96 9.01
C LEU B 185 -12.51 17.41 7.78
N GLY B 186 -11.75 16.88 6.85
CA GLY B 186 -12.33 16.36 5.64
C GLY B 186 -11.55 15.22 5.04
N VAL B 187 -12.19 14.69 4.00
CA VAL B 187 -11.59 13.64 3.23
C VAL B 187 -11.94 13.91 1.78
N SER B 188 -10.99 13.62 0.90
CA SER B 188 -11.23 13.77 -0.52
C SER B 188 -10.72 12.53 -1.24
N TYR B 189 -11.37 12.41 -2.41
CA TYR B 189 -11.11 11.39 -3.39
C TYR B 189 -10.49 12.06 -4.61
N ARG B 190 -9.35 11.56 -5.03
CA ARG B 190 -8.61 12.04 -6.18
C ARG B 190 -8.85 11.14 -7.38
N PHE B 191 -9.42 11.74 -8.42
CA PHE B 191 -9.73 10.97 -9.63
C PHE B 191 -8.49 10.58 -10.40
N GLY B 192 -7.42 11.34 -10.33
CA GLY B 192 -6.20 10.98 -11.04
C GLY B 192 -6.28 11.13 -12.54
N ALA C 22 32.09 -14.46 -21.77
CA ALA C 22 32.25 -15.87 -21.35
C ALA C 22 30.99 -16.38 -20.67
N PRO C 23 30.79 -17.68 -20.65
CA PRO C 23 29.73 -18.32 -19.91
C PRO C 23 29.76 -17.83 -18.46
N LYS C 24 28.60 -17.88 -17.81
CA LYS C 24 28.43 -17.49 -16.43
C LYS C 24 29.38 -18.26 -15.51
N ASP C 25 29.80 -17.64 -14.41
CA ASP C 25 30.70 -18.31 -13.48
C ASP C 25 30.05 -19.60 -12.99
N ASN C 26 30.81 -20.65 -12.83
CA ASN C 26 30.37 -21.93 -12.31
C ASN C 26 29.25 -22.51 -13.14
N THR C 27 29.40 -22.47 -14.47
CA THR C 27 28.39 -23.03 -15.35
C THR C 27 29.09 -23.80 -16.46
N TRP C 28 28.36 -24.64 -17.14
CA TRP C 28 28.85 -25.54 -18.15
C TRP C 28 28.32 -25.18 -19.54
N TYR C 29 29.06 -25.71 -20.51
CA TYR C 29 28.72 -25.53 -21.91
C TYR C 29 29.19 -26.72 -22.74
N THR C 30 28.60 -26.84 -23.91
CA THR C 30 28.92 -27.93 -24.81
C THR C 30 28.82 -27.40 -26.23
N GLY C 31 29.68 -27.93 -27.09
CA GLY C 31 29.72 -27.41 -28.46
C GLY C 31 30.24 -28.41 -29.46
N ALA C 32 30.19 -27.96 -30.73
CA ALA C 32 30.65 -28.81 -31.80
C ALA C 32 31.39 -27.89 -32.75
N LYS C 33 32.25 -28.50 -33.53
CA LYS C 33 33.07 -27.76 -34.49
C LYS C 33 33.27 -28.53 -35.77
N LEU C 34 33.72 -27.78 -36.77
CA LEU C 34 34.18 -28.28 -38.07
C LEU C 34 35.64 -27.83 -38.09
N GLY C 35 36.50 -28.72 -38.58
CA GLY C 35 37.91 -28.41 -38.58
C GLY C 35 38.57 -28.72 -39.92
N TRP C 36 39.72 -28.10 -40.08
CA TRP C 36 40.49 -28.20 -41.31
C TRP C 36 41.98 -28.06 -41.01
N SER C 37 42.78 -28.97 -41.60
CA SER C 37 44.23 -28.82 -41.49
C SER C 37 44.86 -29.24 -42.82
N GLN C 38 46.08 -28.78 -43.02
CA GLN C 38 46.99 -29.14 -44.11
C GLN C 38 48.24 -29.84 -43.57
N HIS C 52 48.39 -32.87 -53.15
CA HIS C 52 48.60 -32.13 -51.92
C HIS C 52 47.90 -32.77 -50.73
N GLU C 53 47.55 -31.99 -49.71
CA GLU C 53 46.92 -32.55 -48.55
C GLU C 53 45.95 -31.71 -47.75
N ASN C 54 44.67 -31.93 -47.85
CA ASN C 54 43.74 -31.23 -47.00
C ASN C 54 43.05 -32.28 -46.17
N LYS C 55 42.80 -31.97 -44.90
CA LYS C 55 42.05 -32.86 -44.02
C LYS C 55 40.88 -32.07 -43.45
N LEU C 56 39.72 -32.66 -43.38
CA LEU C 56 38.55 -31.98 -42.84
C LEU C 56 37.92 -32.97 -41.87
N GLY C 57 37.24 -32.41 -40.89
CA GLY C 57 36.57 -33.25 -39.91
C GLY C 57 35.74 -32.36 -39.00
N ALA C 58 35.51 -32.91 -37.81
CA ALA C 58 34.64 -32.24 -36.86
C ALA C 58 35.04 -32.65 -35.45
N GLY C 59 34.39 -32.02 -34.51
CA GLY C 59 34.69 -32.29 -33.12
C GLY C 59 33.59 -31.80 -32.21
N ALA C 60 33.80 -32.15 -30.95
CA ALA C 60 32.89 -31.76 -29.90
C ALA C 60 33.74 -31.32 -28.72
N PHE C 61 33.16 -30.45 -27.93
CA PHE C 61 33.86 -29.98 -26.75
C PHE C 61 32.83 -29.69 -25.66
N GLY C 62 33.33 -29.77 -24.43
CA GLY C 62 32.50 -29.43 -23.29
C GLY C 62 33.38 -28.68 -22.28
N GLY C 63 32.79 -27.74 -21.54
CA GLY C 63 33.61 -27.00 -20.62
C GLY C 63 32.88 -26.50 -19.41
N TYR C 64 33.66 -26.02 -18.47
CA TYR C 64 33.18 -25.47 -17.21
C TYR C 64 33.87 -24.12 -17.04
N GLN C 65 33.07 -23.09 -16.87
CA GLN C 65 33.65 -21.77 -16.72
C GLN C 65 33.73 -21.43 -15.23
N VAL C 66 34.87 -20.92 -14.81
CA VAL C 66 35.08 -20.50 -13.43
C VAL C 66 34.70 -19.04 -13.23
N ASN C 67 35.24 -18.19 -14.08
CA ASN C 67 35.02 -16.76 -13.99
C ASN C 67 35.14 -16.20 -15.39
N PRO C 68 34.98 -14.90 -15.60
CA PRO C 68 35.01 -14.38 -16.95
C PRO C 68 36.26 -14.62 -17.76
N TYR C 69 37.37 -15.00 -17.13
CA TYR C 69 38.64 -15.20 -17.77
C TYR C 69 39.12 -16.63 -17.85
N VAL C 70 38.56 -17.50 -17.03
CA VAL C 70 39.07 -18.86 -16.92
C VAL C 70 38.00 -19.93 -16.96
N GLY C 71 38.26 -20.89 -17.83
CA GLY C 71 37.43 -22.05 -17.98
C GLY C 71 38.36 -23.23 -18.28
N PHE C 72 37.74 -24.40 -18.25
CA PHE C 72 38.44 -25.63 -18.57
C PHE C 72 37.61 -26.41 -19.59
N GLU C 73 38.28 -27.09 -20.52
CA GLU C 73 37.55 -27.81 -21.56
C GLU C 73 38.14 -29.17 -21.88
N MET C 74 37.23 -30.01 -22.36
CA MET C 74 37.62 -31.33 -22.85
C MET C 74 37.07 -31.39 -24.27
N GLY C 75 37.94 -31.77 -25.17
CA GLY C 75 37.50 -31.86 -26.55
C GLY C 75 37.90 -33.18 -27.22
N TYR C 76 37.16 -33.48 -28.27
CA TYR C 76 37.39 -34.61 -29.16
C TYR C 76 37.26 -34.04 -30.58
N ASP C 77 38.21 -34.31 -31.43
CA ASP C 77 38.14 -33.91 -32.82
C ASP C 77 38.68 -35.06 -33.68
N TRP C 78 38.20 -35.10 -34.92
CA TRP C 78 38.74 -36.05 -35.88
C TRP C 78 39.00 -35.25 -37.16
N LEU C 79 39.91 -35.75 -37.98
CA LEU C 79 40.27 -35.19 -39.27
C LEU C 79 40.45 -36.34 -40.26
N GLY C 80 39.96 -36.16 -41.47
CA GLY C 80 40.09 -37.20 -42.49
C GLY C 80 40.65 -36.55 -43.74
N ARG C 81 41.47 -37.30 -44.49
CA ARG C 81 42.07 -36.78 -45.70
C ARG C 81 41.04 -36.78 -46.81
N MET C 82 41.00 -35.65 -47.53
CA MET C 82 40.04 -35.55 -48.62
C MET C 82 40.77 -35.99 -49.88
N PRO C 83 40.02 -36.62 -50.77
CA PRO C 83 40.54 -37.08 -52.04
C PRO C 83 41.20 -36.00 -52.89
N TYR C 84 42.28 -36.33 -53.57
CA TYR C 84 43.05 -35.49 -54.47
C TYR C 84 43.24 -34.07 -53.95
N ALA C 92 42.28 -44.37 -46.21
CA ALA C 92 42.16 -43.93 -44.83
C ALA C 92 43.43 -43.29 -44.29
N TYR C 93 43.35 -41.90 -44.29
CA TYR C 93 44.26 -41.18 -43.35
C TYR C 93 43.24 -40.43 -42.51
N LYS C 94 43.24 -40.81 -41.29
CA LYS C 94 42.30 -40.30 -40.32
C LYS C 94 43.11 -40.06 -39.05
N ALA C 95 42.81 -38.97 -38.36
CA ALA C 95 43.44 -38.67 -37.07
C ALA C 95 42.32 -38.30 -36.10
N GLN C 96 42.50 -38.63 -34.84
CA GLN C 96 41.55 -38.34 -33.79
C GLN C 96 42.33 -37.91 -32.56
N GLY C 97 41.73 -37.05 -31.75
CA GLY C 97 42.41 -36.62 -30.54
C GLY C 97 41.41 -36.24 -29.47
N VAL C 98 41.83 -36.53 -28.23
CA VAL C 98 41.04 -36.13 -27.09
C VAL C 98 41.97 -35.21 -26.31
N GLN C 99 41.44 -34.09 -25.86
CA GLN C 99 42.26 -33.10 -25.16
C GLN C 99 41.57 -32.52 -23.95
N LEU C 100 42.41 -32.03 -23.05
CA LEU C 100 41.97 -31.40 -21.79
C LEU C 100 42.83 -30.15 -21.67
N THR C 101 42.13 -29.01 -21.61
CA THR C 101 42.88 -27.77 -21.58
C THR C 101 42.26 -26.74 -20.65
N ALA C 102 43.16 -25.86 -20.24
CA ALA C 102 42.76 -24.62 -19.57
C ALA C 102 42.50 -23.59 -20.68
N LYS C 103 41.46 -22.78 -20.49
CA LYS C 103 41.05 -21.75 -21.42
C LYS C 103 41.07 -20.40 -20.68
N LEU C 104 41.97 -19.53 -21.16
CA LEU C 104 42.10 -18.21 -20.56
C LEU C 104 41.65 -17.20 -21.63
N GLY C 105 40.82 -16.26 -21.17
CA GLY C 105 40.33 -15.32 -22.17
C GLY C 105 40.07 -13.95 -21.57
N TYR C 106 39.78 -13.05 -22.50
CA TYR C 106 39.39 -11.72 -22.05
C TYR C 106 38.46 -11.07 -23.06
N PRO C 107 37.58 -10.25 -22.54
CA PRO C 107 36.61 -9.60 -23.41
C PRO C 107 37.25 -8.47 -24.19
N ILE C 108 37.15 -8.52 -25.50
CA ILE C 108 37.58 -7.45 -26.39
C ILE C 108 36.39 -6.49 -26.39
N THR C 109 35.21 -7.09 -26.41
CA THR C 109 33.98 -6.33 -26.39
C THR C 109 32.97 -7.03 -25.50
N ASP C 110 31.76 -6.50 -25.32
CA ASP C 110 30.82 -7.25 -24.49
C ASP C 110 30.49 -8.61 -25.10
N ASP C 111 30.49 -8.66 -26.42
CA ASP C 111 30.12 -9.91 -27.09
C ASP C 111 31.29 -10.78 -27.54
N LEU C 112 32.46 -10.19 -27.68
CA LEU C 112 33.60 -10.92 -28.19
C LEU C 112 34.70 -11.17 -27.17
N ASP C 113 35.12 -12.42 -27.06
CA ASP C 113 36.26 -12.74 -26.23
C ASP C 113 37.37 -13.23 -27.15
N ILE C 114 38.58 -12.92 -26.74
CA ILE C 114 39.76 -13.50 -27.34
C ILE C 114 40.17 -14.55 -26.30
N TYR C 115 40.70 -15.69 -26.72
CA TYR C 115 41.09 -16.69 -25.76
C TYR C 115 42.22 -17.54 -26.28
N THR C 116 42.85 -18.18 -25.31
CA THR C 116 43.88 -19.17 -25.60
C THR C 116 43.52 -20.40 -24.78
N ARG C 117 43.96 -21.55 -25.30
CA ARG C 117 43.81 -22.81 -24.61
C ARG C 117 45.16 -23.49 -24.57
N LEU C 118 45.40 -24.14 -23.44
CA LEU C 118 46.64 -24.90 -23.32
C LEU C 118 46.42 -26.11 -22.45
N GLY C 119 47.02 -27.24 -22.92
CA GLY C 119 46.84 -28.47 -22.19
C GLY C 119 47.48 -29.60 -22.95
N GLY C 120 46.83 -30.74 -22.85
CA GLY C 120 47.37 -31.94 -23.49
C GLY C 120 46.33 -32.68 -24.32
N MET C 121 46.87 -33.47 -25.24
CA MET C 121 46.03 -34.27 -26.12
C MET C 121 46.64 -35.65 -26.32
N VAL C 122 45.76 -36.63 -26.30
CA VAL C 122 46.03 -38.02 -26.61
C VAL C 122 45.47 -38.23 -28.00
N TRP C 123 46.36 -38.62 -28.91
CA TRP C 123 45.87 -38.78 -30.27
C TRP C 123 46.12 -40.16 -30.86
N ARG C 124 45.42 -40.41 -31.95
CA ARG C 124 45.56 -41.64 -32.73
C ARG C 124 45.42 -41.29 -34.20
N ALA C 125 46.33 -41.76 -35.03
CA ALA C 125 46.30 -41.54 -36.47
C ALA C 125 46.26 -42.92 -37.12
N ASP C 126 45.23 -43.13 -37.96
CA ASP C 126 45.07 -44.40 -38.66
C ASP C 126 45.37 -44.22 -40.13
N THR C 127 46.07 -45.20 -40.68
CA THR C 127 46.50 -45.24 -42.06
C THR C 127 45.96 -46.51 -42.72
N TYR C 128 45.98 -46.46 -44.03
CA TYR C 128 45.57 -47.49 -44.96
C TYR C 128 46.51 -47.54 -46.16
N SER C 129 47.38 -48.54 -46.16
CA SER C 129 48.30 -48.71 -47.27
C SER C 129 47.83 -49.89 -48.09
N ASN C 130 48.26 -50.04 -49.33
CA ASN C 130 47.82 -51.13 -50.18
C ASN C 130 48.80 -52.30 -50.18
N VAL C 131 49.98 -51.95 -49.67
CA VAL C 131 51.07 -52.89 -49.55
C VAL C 131 51.06 -53.50 -48.15
N TYR C 132 51.05 -52.61 -47.16
CA TYR C 132 51.11 -53.01 -45.76
C TYR C 132 49.83 -53.06 -44.97
N GLY C 133 48.65 -52.85 -45.55
CA GLY C 133 47.39 -52.91 -44.84
C GLY C 133 47.19 -51.70 -43.93
N LYS C 134 46.29 -51.87 -42.97
CA LYS C 134 46.01 -50.83 -41.99
C LYS C 134 47.14 -50.64 -40.98
N ASN C 135 47.28 -49.41 -40.48
CA ASN C 135 48.26 -49.14 -39.45
C ASN C 135 47.77 -47.99 -38.58
N HIS C 136 48.39 -47.81 -37.41
CA HIS C 136 48.00 -46.68 -36.57
C HIS C 136 49.14 -46.43 -35.59
N ASP C 137 49.18 -45.20 -35.11
CA ASP C 137 50.15 -44.68 -34.17
C ASP C 137 49.33 -43.81 -33.22
N THR C 138 49.77 -43.79 -31.98
CA THR C 138 49.20 -43.06 -30.89
C THR C 138 50.29 -42.26 -30.18
N GLY C 139 49.82 -41.20 -29.50
CA GLY C 139 50.80 -40.38 -28.80
C GLY C 139 50.11 -39.40 -27.85
N VAL C 140 50.93 -38.70 -27.10
CA VAL C 140 50.47 -37.67 -26.16
C VAL C 140 51.32 -36.45 -26.49
N SER C 141 50.62 -35.30 -26.50
CA SER C 141 51.34 -34.09 -26.83
C SER C 141 50.72 -32.86 -26.18
N PRO C 142 51.52 -31.85 -25.93
CA PRO C 142 50.92 -30.59 -25.49
C PRO C 142 50.05 -30.12 -26.67
N VAL C 143 49.05 -29.30 -26.35
CA VAL C 143 48.17 -28.73 -27.35
C VAL C 143 47.84 -27.30 -26.94
N PHE C 144 47.84 -26.42 -27.94
CA PHE C 144 47.59 -25.00 -27.71
C PHE C 144 46.52 -24.50 -28.68
N ALA C 145 45.86 -23.40 -28.32
CA ALA C 145 44.97 -22.80 -29.30
C ALA C 145 44.82 -21.32 -29.01
N GLY C 146 44.44 -20.59 -30.08
CA GLY C 146 44.06 -19.20 -29.94
C GLY C 146 42.76 -19.05 -30.72
N GLY C 147 41.89 -18.22 -30.18
CA GLY C 147 40.64 -18.06 -30.92
C GLY C 147 39.87 -16.85 -30.46
N VAL C 148 38.72 -16.69 -31.09
CA VAL C 148 37.77 -15.62 -30.71
C VAL C 148 36.44 -16.35 -30.57
N GLU C 149 35.66 -15.90 -29.60
CA GLU C 149 34.33 -16.44 -29.34
C GLU C 149 33.32 -15.30 -29.27
N TYR C 150 32.26 -15.44 -30.01
CA TYR C 150 31.21 -14.48 -30.11
C TYR C 150 29.95 -14.97 -29.42
N ALA C 151 29.50 -14.26 -28.42
CA ALA C 151 28.27 -14.64 -27.74
C ALA C 151 27.13 -14.00 -28.51
N ILE C 152 26.39 -14.78 -29.27
CA ILE C 152 25.29 -14.35 -30.11
C ILE C 152 24.13 -14.03 -29.18
N THR C 153 23.85 -14.95 -28.29
CA THR C 153 22.84 -14.83 -27.26
C THR C 153 23.44 -15.34 -25.96
N PRO C 154 22.74 -15.25 -24.83
CA PRO C 154 23.30 -15.78 -23.60
C PRO C 154 23.54 -17.29 -23.65
N GLU C 155 22.83 -17.99 -24.51
CA GLU C 155 22.91 -19.43 -24.62
C GLU C 155 23.81 -19.90 -25.76
N ILE C 156 24.07 -19.08 -26.76
CA ILE C 156 24.74 -19.52 -27.96
C ILE C 156 25.96 -18.68 -28.32
N ALA C 157 27.06 -19.37 -28.51
CA ALA C 157 28.29 -18.68 -28.90
C ALA C 157 28.95 -19.43 -30.04
N THR C 158 29.58 -18.67 -30.91
CA THR C 158 30.35 -19.28 -31.97
C THR C 158 31.82 -18.99 -31.67
N ARG C 159 32.67 -19.82 -32.25
CA ARG C 159 34.11 -19.61 -32.08
C ARG C 159 34.81 -19.94 -33.39
N LEU C 160 35.95 -19.26 -33.51
CA LEU C 160 36.89 -19.41 -34.61
C LEU C 160 38.24 -19.60 -33.93
N GLU C 161 38.92 -20.71 -34.27
CA GLU C 161 40.11 -21.04 -33.53
C GLU C 161 41.19 -21.65 -34.41
N TYR C 162 42.43 -21.38 -33.97
CA TYR C 162 43.57 -22.00 -34.58
C TYR C 162 44.22 -22.79 -33.42
N GLN C 163 44.44 -24.07 -33.64
CA GLN C 163 45.05 -24.98 -32.69
C GLN C 163 46.35 -25.56 -33.23
N TRP C 164 47.34 -25.66 -32.37
CA TRP C 164 48.60 -26.27 -32.77
C TRP C 164 49.21 -27.09 -31.64
N THR C 165 50.23 -27.84 -32.08
CA THR C 165 50.92 -28.62 -31.07
C THR C 165 52.42 -28.48 -31.19
N ASN C 166 53.12 -29.26 -30.38
CA ASN C 166 54.56 -29.36 -30.54
C ASN C 166 55.02 -30.66 -29.89
N GLY C 181 48.91 -27.14 -37.92
CA GLY C 181 47.82 -26.71 -37.06
C GLY C 181 46.44 -27.01 -37.63
N MET C 182 45.39 -26.73 -36.88
CA MET C 182 44.04 -26.97 -37.31
C MET C 182 43.19 -25.73 -37.07
N LEU C 183 42.51 -25.28 -38.12
CA LEU C 183 41.58 -24.16 -38.02
C LEU C 183 40.22 -24.80 -37.79
N SER C 184 39.40 -24.12 -37.02
CA SER C 184 38.08 -24.66 -36.78
C SER C 184 37.07 -23.54 -36.51
N LEU C 185 35.82 -23.86 -36.78
CA LEU C 185 34.67 -23.00 -36.51
C LEU C 185 33.73 -23.87 -35.67
N GLY C 186 33.10 -23.27 -34.69
CA GLY C 186 32.22 -24.00 -33.84
C GLY C 186 31.09 -23.16 -33.28
N VAL C 187 30.22 -23.92 -32.60
CA VAL C 187 29.11 -23.32 -31.91
C VAL C 187 28.96 -24.08 -30.60
N SER C 188 28.59 -23.33 -29.56
CA SER C 188 28.34 -23.94 -28.28
C SER C 188 27.05 -23.38 -27.71
N TYR C 189 26.55 -24.26 -26.83
CA TYR C 189 25.37 -24.03 -26.04
C TYR C 189 25.78 -23.90 -24.59
N ARG C 190 25.37 -22.82 -23.95
CA ARG C 190 25.67 -22.51 -22.57
C ARG C 190 24.46 -22.84 -21.69
N PHE C 191 24.68 -23.78 -20.77
CA PHE C 191 23.58 -24.20 -19.88
C PHE C 191 23.20 -23.14 -18.88
N GLY C 192 24.12 -22.28 -18.48
CA GLY C 192 23.78 -21.22 -17.54
C GLY C 192 23.53 -21.70 -16.11
N ALA D 1 -12.17 1.02 42.90
CA ALA D 1 -11.91 2.26 43.70
C ALA D 1 -13.06 2.53 44.66
N GLU D 2 -12.76 2.77 45.94
CA GLU D 2 -13.80 3.13 46.90
C GLU D 2 -14.11 4.61 46.73
N VAL D 3 -15.30 4.92 46.25
CA VAL D 3 -15.68 6.29 45.96
C VAL D 3 -16.64 6.87 46.99
N TYR D 4 -17.06 6.04 47.95
CA TYR D 4 -17.98 6.45 49.00
C TYR D 4 -17.79 5.54 50.23
N ASN D 5 -17.71 6.17 51.41
CA ASN D 5 -17.53 5.45 52.68
C ASN D 5 -17.93 6.42 53.77
N LYS D 6 -19.16 6.29 54.26
CA LYS D 6 -19.75 7.28 55.15
C LYS D 6 -20.90 6.63 55.94
N ASP D 7 -21.03 6.92 57.23
CA ASP D 7 -22.15 6.42 58.07
C ASP D 7 -22.46 4.92 57.87
N GLY D 8 -21.42 4.08 57.82
CA GLY D 8 -21.61 2.65 57.62
C GLY D 8 -21.96 2.10 56.23
N ASN D 9 -22.10 2.94 55.20
CA ASN D 9 -22.25 2.48 53.80
C ASN D 9 -20.94 2.71 53.07
N LYS D 10 -20.54 1.71 52.27
CA LYS D 10 -19.37 1.79 51.39
C LYS D 10 -19.79 1.43 49.98
N LEU D 11 -19.24 2.14 48.99
CA LEU D 11 -19.44 1.85 47.58
C LEU D 11 -18.09 1.81 46.87
N ASP D 12 -17.79 0.68 46.25
CA ASP D 12 -16.62 0.52 45.41
C ASP D 12 -17.07 0.48 43.96
N LEU D 13 -16.59 1.42 43.16
CA LEU D 13 -16.86 1.48 41.72
C LEU D 13 -15.60 1.02 41.02
N TYR D 14 -15.67 -0.07 40.27
CA TYR D 14 -14.48 -0.67 39.67
C TYR D 14 -14.71 -1.01 38.22
N GLY D 15 -13.62 -1.33 37.54
CA GLY D 15 -13.69 -1.61 36.13
C GLY D 15 -12.33 -1.70 35.50
N LYS D 16 -12.34 -2.00 34.21
CA LYS D 16 -11.15 -2.06 33.42
C LYS D 16 -11.44 -1.86 31.94
N VAL D 17 -10.43 -1.39 31.24
CA VAL D 17 -10.43 -1.34 29.79
C VAL D 17 -9.27 -2.22 29.34
N ASP D 18 -9.60 -3.24 28.54
CA ASP D 18 -8.61 -4.16 28.05
C ASP D 18 -8.46 -3.96 26.54
N GLY D 19 -7.41 -3.23 26.15
CA GLY D 19 -7.09 -3.07 24.73
C GLY D 19 -6.48 -4.38 24.27
N LEU D 20 -7.21 -5.13 23.45
CA LEU D 20 -6.89 -6.53 23.24
C LEU D 20 -6.99 -6.92 21.77
N HIS D 21 -6.03 -7.70 21.31
CA HIS D 21 -6.01 -8.16 19.93
C HIS D 21 -5.68 -9.64 19.85
N TYR D 22 -6.43 -10.38 19.03
CA TYR D 22 -6.16 -11.80 18.77
C TYR D 22 -5.49 -11.98 17.42
N PHE D 23 -4.51 -12.88 17.36
CA PHE D 23 -3.93 -13.33 16.11
C PHE D 23 -4.21 -14.81 15.93
N SER D 24 -4.89 -15.16 14.84
CA SER D 24 -5.27 -16.54 14.58
C SER D 24 -5.59 -16.78 13.11
N ASP D 25 -5.23 -17.97 12.63
CA ASP D 25 -5.68 -18.46 11.35
C ASP D 25 -7.21 -18.58 11.31
N ASN D 26 -7.84 -18.73 12.47
CA ASN D 26 -9.30 -18.76 12.55
C ASN D 26 -9.86 -17.35 12.57
N LYS D 27 -10.45 -16.95 11.45
CA LYS D 27 -10.84 -15.56 11.26
C LYS D 27 -12.08 -15.16 12.09
N ASP D 28 -12.78 -16.15 12.64
CA ASP D 28 -13.93 -15.89 13.51
C ASP D 28 -13.51 -15.38 14.89
N VAL D 29 -12.26 -15.65 15.31
CA VAL D 29 -11.70 -15.10 16.56
C VAL D 29 -10.61 -14.06 16.32
N ASP D 30 -10.09 -14.00 15.10
CA ASP D 30 -9.00 -13.09 14.74
C ASP D 30 -9.46 -11.63 14.79
N GLY D 31 -8.54 -10.74 15.19
CA GLY D 31 -8.78 -9.30 15.14
C GLY D 31 -8.93 -8.59 16.47
N ASP D 32 -9.50 -7.39 16.43
CA ASP D 32 -9.75 -6.58 17.63
C ASP D 32 -10.73 -7.28 18.58
N GLN D 33 -10.33 -7.41 19.84
CA GLN D 33 -11.15 -8.01 20.88
C GLN D 33 -11.32 -7.05 22.08
N THR D 34 -11.04 -5.76 21.86
CA THR D 34 -11.10 -4.75 22.92
C THR D 34 -12.45 -4.77 23.66
N TYR D 35 -12.37 -4.63 24.97
CA TYR D 35 -13.58 -4.59 25.78
C TYR D 35 -13.37 -3.84 27.08
N MET D 36 -14.48 -3.49 27.72
CA MET D 36 -14.40 -2.94 29.03
C MET D 36 -15.37 -3.68 29.96
N ARG D 37 -15.05 -3.67 31.25
CA ARG D 37 -15.95 -4.13 32.30
C ARG D 37 -16.10 -3.02 33.31
N LEU D 38 -17.30 -2.92 33.86
CA LEU D 38 -17.61 -1.97 34.90
C LEU D 38 -18.40 -2.70 35.96
N GLY D 39 -18.27 -2.26 37.21
CA GLY D 39 -19.05 -2.86 38.27
C GLY D 39 -19.09 -2.03 39.51
N PHE D 40 -19.97 -2.43 40.42
CA PHE D 40 -19.96 -1.88 41.76
C PHE D 40 -20.17 -2.96 42.79
N LYS D 41 -19.52 -2.79 43.94
CA LYS D 41 -19.81 -3.58 45.12
C LYS D 41 -20.15 -2.61 46.23
N GLY D 42 -21.34 -2.75 46.78
CA GLY D 42 -21.77 -1.96 47.92
C GLY D 42 -22.03 -2.79 49.16
N GLU D 43 -21.78 -2.20 50.32
CA GLU D 43 -22.06 -2.85 51.60
C GLU D 43 -22.61 -1.82 52.57
N THR D 44 -23.57 -2.26 53.39
CA THR D 44 -24.16 -1.40 54.40
C THR D 44 -24.19 -2.13 55.75
N GLN D 45 -23.71 -1.49 56.80
CA GLN D 45 -23.75 -2.06 58.14
C GLN D 45 -25.15 -1.91 58.74
N VAL D 46 -25.83 -3.03 58.98
CA VAL D 46 -27.16 -2.99 59.59
C VAL D 46 -27.02 -2.99 61.11
N THR D 47 -26.29 -3.96 61.65
CA THR D 47 -25.87 -3.97 63.07
C THR D 47 -24.41 -4.37 63.11
N ASP D 48 -23.83 -4.47 64.31
CA ASP D 48 -22.44 -4.95 64.44
C ASP D 48 -22.24 -6.37 63.87
N GLN D 49 -23.30 -7.18 63.85
CA GLN D 49 -23.22 -8.54 63.32
C GLN D 49 -23.75 -8.67 61.88
N LEU D 50 -24.72 -7.84 61.48
CA LEU D 50 -25.42 -8.01 60.20
C LEU D 50 -25.01 -6.95 59.17
N THR D 51 -24.60 -7.42 57.99
CA THR D 51 -24.28 -6.55 56.86
C THR D 51 -25.10 -6.94 55.63
N GLY D 52 -25.59 -5.93 54.92
CA GLY D 52 -26.25 -6.11 53.66
C GLY D 52 -25.31 -5.69 52.55
N TYR D 53 -25.43 -6.34 51.39
CA TYR D 53 -24.58 -6.03 50.25
C TYR D 53 -25.27 -6.24 48.93
N GLY D 54 -24.64 -5.67 47.90
CA GLY D 54 -25.07 -5.89 46.55
C GLY D 54 -23.88 -5.72 45.64
N GLN D 55 -23.91 -6.46 44.53
CA GLN D 55 -22.86 -6.37 43.53
C GLN D 55 -23.44 -6.48 42.12
N TRP D 56 -22.83 -5.73 41.20
CA TRP D 56 -23.28 -5.72 39.84
C TRP D 56 -22.05 -5.59 38.96
N GLU D 57 -21.98 -6.37 37.89
CA GLU D 57 -20.88 -6.28 36.95
C GLU D 57 -21.37 -6.46 35.53
N TYR D 58 -20.82 -5.66 34.63
CA TYR D 58 -21.35 -5.52 33.28
C TYR D 58 -20.17 -5.51 32.31
N GLN D 59 -20.31 -6.15 31.15
CA GLN D 59 -19.26 -6.10 30.15
C GLN D 59 -19.80 -5.42 28.90
N ILE D 60 -19.03 -4.49 28.37
CA ILE D 60 -19.40 -3.79 27.13
C ILE D 60 -18.26 -3.99 26.13
N GLN D 61 -18.56 -4.59 24.99
CA GLN D 61 -17.53 -4.80 23.98
C GLN D 61 -17.13 -3.44 23.41
N GLY D 62 -15.84 -3.29 23.14
CA GLY D 62 -15.27 -2.06 22.61
C GLY D 62 -14.77 -2.26 21.18
N ASN D 63 -15.14 -3.38 20.57
CA ASN D 63 -14.61 -3.74 19.26
C ASN D 63 -15.64 -3.66 18.13
N SER D 64 -16.82 -3.08 18.40
CA SER D 64 -17.86 -2.93 17.38
C SER D 64 -17.98 -1.49 16.90
N ALA D 65 -18.56 -1.34 15.73
CA ALA D 65 -18.93 -0.04 15.18
C ALA D 65 -20.08 0.56 15.99
N GLU D 66 -20.34 1.85 15.79
CA GLU D 66 -21.35 2.57 16.60
C GLU D 66 -22.82 2.29 16.29
N ASN D 67 -23.11 1.52 15.24
CA ASN D 67 -24.48 1.11 14.95
C ASN D 67 -24.88 -0.18 15.65
N GLU D 68 -24.05 -0.65 16.57
CA GLU D 68 -24.43 -1.78 17.38
C GLU D 68 -23.84 -1.72 18.76
N ASN D 69 -24.43 -2.52 19.65
CA ASN D 69 -24.02 -2.59 21.03
C ASN D 69 -24.06 -4.04 21.48
N ASN D 70 -22.91 -4.56 21.88
CA ASN D 70 -22.79 -5.93 22.37
C ASN D 70 -22.33 -5.80 23.82
N SER D 71 -23.25 -6.03 24.75
CA SER D 71 -22.98 -5.87 26.16
C SER D 71 -23.86 -6.84 26.94
N TRP D 72 -23.44 -7.17 28.16
CA TRP D 72 -24.22 -8.06 29.01
C TRP D 72 -23.89 -7.91 30.49
N THR D 73 -24.82 -8.42 31.30
CA THR D 73 -24.64 -8.45 32.73
C THR D 73 -23.95 -9.77 33.12
N ARG D 74 -22.79 -9.65 33.77
CA ARG D 74 -22.07 -10.79 34.29
C ARG D 74 -22.67 -11.26 35.61
N VAL D 75 -22.73 -10.37 36.60
CA VAL D 75 -23.41 -10.71 37.86
C VAL D 75 -24.30 -9.55 38.33
N ALA D 76 -25.33 -9.91 39.10
CA ALA D 76 -26.23 -8.94 39.72
C ALA D 76 -26.97 -9.63 40.86
N PHE D 77 -26.57 -9.34 42.08
CA PHE D 77 -27.15 -9.98 43.27
C PHE D 77 -27.14 -9.11 44.52
N ALA D 78 -28.07 -9.41 45.42
CA ALA D 78 -28.17 -8.77 46.72
C ALA D 78 -28.11 -9.84 47.81
N GLY D 79 -27.57 -9.48 48.96
CA GLY D 79 -27.36 -10.46 49.99
C GLY D 79 -27.27 -9.91 51.39
N LEU D 80 -27.29 -10.84 52.35
CA LEU D 80 -27.10 -10.55 53.77
C LEU D 80 -26.00 -11.44 54.31
N LYS D 81 -25.16 -10.87 55.17
CA LYS D 81 -24.09 -11.62 55.85
C LYS D 81 -24.23 -11.43 57.37
N PHE D 82 -24.19 -12.54 58.12
CA PHE D 82 -24.17 -12.47 59.59
C PHE D 82 -22.88 -13.04 60.16
N GLN D 83 -22.18 -12.20 60.94
CA GLN D 83 -20.89 -12.52 61.54
C GLN D 83 -20.90 -13.87 62.26
N ASP D 84 -19.97 -14.75 61.84
CA ASP D 84 -19.81 -16.09 62.43
C ASP D 84 -21.03 -17.01 62.25
N VAL D 85 -21.84 -16.79 61.22
CA VAL D 85 -22.95 -17.70 60.93
C VAL D 85 -22.95 -18.04 59.44
N GLY D 86 -23.15 -17.03 58.60
CA GLY D 86 -23.06 -17.24 57.16
C GLY D 86 -23.56 -16.06 56.35
N SER D 87 -23.78 -16.32 55.06
CA SER D 87 -24.37 -15.34 54.16
C SER D 87 -25.42 -15.99 53.25
N PHE D 88 -26.32 -15.17 52.74
CA PHE D 88 -27.26 -15.58 51.70
C PHE D 88 -27.35 -14.47 50.66
N ASP D 89 -27.35 -14.84 49.40
CA ASP D 89 -27.63 -13.90 48.33
C ASP D 89 -28.40 -14.55 47.19
N TYR D 90 -29.10 -13.70 46.44
CA TYR D 90 -29.91 -14.12 45.28
C TYR D 90 -29.70 -13.19 44.08
N GLY D 91 -29.67 -13.78 42.89
CA GLY D 91 -29.56 -13.02 41.62
C GLY D 91 -28.80 -13.78 40.56
N ARG D 92 -28.22 -13.06 39.61
CA ARG D 92 -27.27 -13.64 38.66
C ARG D 92 -25.93 -13.70 39.40
N ASN D 93 -25.37 -14.89 39.51
CA ASN D 93 -24.16 -15.10 40.29
C ASN D 93 -23.42 -16.30 39.72
N TYR D 94 -22.36 -16.72 40.38
CA TYR D 94 -21.60 -17.89 39.97
C TYR D 94 -22.17 -19.13 40.63
N GLY D 95 -22.22 -20.22 39.88
CA GLY D 95 -22.62 -21.52 40.43
C GLY D 95 -21.57 -22.01 41.40
N VAL D 96 -21.96 -22.85 42.36
CA VAL D 96 -21.04 -23.27 43.42
C VAL D 96 -19.91 -24.17 42.92
N VAL D 97 -20.10 -24.78 41.76
CA VAL D 97 -19.03 -25.58 41.17
C VAL D 97 -17.81 -24.69 40.91
N TYR D 98 -18.05 -23.43 40.62
CA TYR D 98 -16.97 -22.47 40.35
C TYR D 98 -16.10 -22.16 41.59
N ASP D 99 -16.61 -22.45 42.79
CA ASP D 99 -15.81 -22.31 44.01
C ASP D 99 -14.52 -23.11 43.89
N VAL D 100 -14.60 -24.26 43.21
CA VAL D 100 -13.47 -25.16 43.02
C VAL D 100 -12.76 -24.89 41.68
N THR D 101 -13.54 -24.83 40.59
CA THR D 101 -12.94 -24.68 39.25
C THR D 101 -12.30 -23.31 38.98
N SER D 102 -12.73 -22.27 39.72
CA SER D 102 -12.14 -20.93 39.64
C SER D 102 -10.65 -20.93 39.93
N TRP D 103 -10.20 -21.91 40.70
CA TRP D 103 -8.81 -21.99 41.12
C TRP D 103 -7.82 -22.16 39.96
N THR D 104 -8.28 -22.67 38.82
CA THR D 104 -7.44 -22.81 37.63
C THR D 104 -7.78 -21.77 36.57
N ASP D 105 -8.79 -20.92 36.83
CA ASP D 105 -9.22 -19.87 35.88
C ASP D 105 -8.43 -18.60 36.15
N VAL D 106 -7.12 -18.71 36.01
CA VAL D 106 -6.19 -17.64 36.39
C VAL D 106 -5.26 -17.25 35.24
N LEU D 107 -5.58 -17.66 34.01
CA LEU D 107 -4.70 -17.43 32.87
C LEU D 107 -4.89 -16.00 32.34
N PRO D 108 -3.84 -15.44 31.69
CA PRO D 108 -3.92 -14.06 31.19
C PRO D 108 -5.15 -13.76 30.31
N GLU D 109 -5.45 -14.64 29.35
CA GLU D 109 -6.62 -14.43 28.49
C GLU D 109 -7.54 -15.64 28.39
N PHE D 110 -6.97 -16.82 28.17
CA PHE D 110 -7.76 -18.02 27.87
C PHE D 110 -8.07 -18.76 29.17
N GLY D 111 -8.28 -20.08 29.09
CA GLY D 111 -8.54 -20.88 30.28
C GLY D 111 -10.00 -20.83 30.67
N GLY D 112 -10.34 -21.61 31.68
CA GLY D 112 -11.69 -21.60 32.24
C GLY D 112 -12.77 -21.96 31.25
N ASP D 113 -12.46 -22.82 30.29
CA ASP D 113 -13.39 -23.13 29.20
C ASP D 113 -13.63 -24.63 28.94
N THR D 114 -13.50 -25.44 29.99
CA THR D 114 -14.10 -26.78 29.98
C THR D 114 -15.60 -26.68 30.35
N TYR D 115 -16.08 -25.46 30.60
CA TYR D 115 -17.49 -25.18 30.91
C TYR D 115 -17.73 -23.77 30.36
N GLY D 116 -18.95 -23.25 30.48
CA GLY D 116 -19.27 -21.90 30.01
C GLY D 116 -20.26 -21.19 30.90
N SER D 117 -20.75 -20.05 30.42
CA SER D 117 -21.77 -19.25 31.13
C SER D 117 -23.15 -19.82 30.80
N ASP D 118 -24.10 -19.65 31.72
CA ASP D 118 -25.46 -20.17 31.56
C ASP D 118 -25.47 -21.67 31.20
N ASN D 119 -24.71 -22.43 32.01
CA ASN D 119 -24.35 -23.81 31.72
C ASN D 119 -24.60 -24.59 33.01
N PHE D 120 -25.89 -24.72 33.35
CA PHE D 120 -26.31 -25.27 34.62
C PHE D 120 -25.61 -24.53 35.77
N MET D 121 -25.09 -25.23 36.77
CA MET D 121 -24.54 -24.55 37.95
C MET D 121 -23.01 -24.44 37.88
N GLN D 122 -22.46 -24.35 36.66
CA GLN D 122 -21.01 -24.45 36.49
C GLN D 122 -20.29 -23.10 36.52
N GLN D 123 -20.97 -22.04 36.12
CA GLN D 123 -20.35 -20.73 36.12
C GLN D 123 -21.44 -19.67 36.30
N ARG D 124 -21.43 -18.59 35.53
CA ARG D 124 -22.41 -17.54 35.77
C ARG D 124 -23.76 -18.03 35.28
N GLY D 125 -24.83 -17.58 35.92
CA GLY D 125 -26.17 -18.00 35.51
C GLY D 125 -27.25 -17.31 36.32
N ASN D 126 -28.49 -17.41 35.86
CA ASN D 126 -29.60 -16.68 36.49
C ASN D 126 -30.30 -17.47 37.59
N GLY D 127 -30.77 -16.75 38.60
CA GLY D 127 -31.67 -17.32 39.59
C GLY D 127 -31.01 -18.19 40.63
N PHE D 128 -29.78 -17.84 41.02
CA PHE D 128 -29.07 -18.58 42.05
C PHE D 128 -29.44 -18.06 43.44
N ALA D 129 -29.90 -18.95 44.31
CA ALA D 129 -30.06 -18.66 45.73
C ALA D 129 -28.93 -19.39 46.45
N THR D 130 -28.01 -18.65 47.06
CA THR D 130 -26.74 -19.21 47.53
C THR D 130 -26.55 -18.98 49.03
N TYR D 131 -26.32 -20.07 49.79
CA TYR D 131 -26.08 -20.04 51.23
C TYR D 131 -24.64 -20.44 51.48
N ARG D 132 -23.92 -19.65 52.27
CA ARG D 132 -22.51 -19.93 52.53
C ARG D 132 -22.18 -19.84 54.01
N ASN D 133 -21.30 -20.74 54.47
CA ASN D 133 -20.85 -20.77 55.86
C ASN D 133 -19.34 -20.70 55.81
N THR D 134 -18.77 -19.65 56.39
CA THR D 134 -17.33 -19.47 56.38
C THR D 134 -16.75 -19.80 57.77
N ASP D 135 -15.68 -20.58 57.76
CA ASP D 135 -14.93 -20.97 58.96
C ASP D 135 -15.73 -21.81 59.98
N PHE D 136 -16.85 -22.39 59.53
CA PHE D 136 -17.73 -23.23 60.39
C PHE D 136 -18.10 -22.51 61.70
N PHE D 137 -18.97 -21.51 61.59
CA PHE D 137 -19.37 -20.68 62.74
C PHE D 137 -18.16 -20.02 63.43
N GLY D 138 -17.11 -19.77 62.65
CA GLY D 138 -15.85 -19.23 63.18
C GLY D 138 -15.10 -20.17 64.13
N LEU D 139 -15.34 -21.48 64.02
CA LEU D 139 -14.68 -22.46 64.88
C LEU D 139 -13.67 -23.37 64.15
N VAL D 140 -13.56 -23.23 62.83
CA VAL D 140 -12.53 -23.95 62.06
C VAL D 140 -12.01 -23.02 60.95
N ASP D 141 -10.90 -22.34 61.26
CA ASP D 141 -10.30 -21.39 60.32
C ASP D 141 -9.99 -22.06 58.98
N GLY D 142 -10.44 -21.44 57.90
CA GLY D 142 -10.14 -21.90 56.54
C GLY D 142 -11.12 -22.87 55.90
N LEU D 143 -12.06 -23.39 56.67
CA LEU D 143 -13.05 -24.35 56.15
C LEU D 143 -14.31 -23.61 55.74
N ASN D 144 -14.69 -23.73 54.46
CA ASN D 144 -15.88 -23.08 53.93
C ASN D 144 -16.77 -24.06 53.19
N PHE D 145 -18.08 -23.89 53.34
CA PHE D 145 -19.00 -24.64 52.51
C PHE D 145 -20.18 -23.80 52.04
N ALA D 146 -20.85 -24.31 51.01
CA ALA D 146 -21.92 -23.59 50.34
C ALA D 146 -22.96 -24.56 49.84
N VAL D 147 -24.22 -24.16 49.87
CA VAL D 147 -25.30 -24.92 49.23
C VAL D 147 -26.12 -23.93 48.40
N GLN D 148 -26.50 -24.35 47.19
CA GLN D 148 -27.07 -23.44 46.21
C GLN D 148 -28.26 -24.05 45.49
N TYR D 149 -29.25 -23.22 45.24
CA TYR D 149 -30.40 -23.64 44.44
C TYR D 149 -30.52 -22.77 43.20
N GLN D 150 -30.88 -23.35 42.07
CA GLN D 150 -31.14 -22.57 40.86
C GLN D 150 -32.55 -22.87 40.37
N GLY D 151 -33.35 -21.82 40.17
CA GLY D 151 -34.69 -21.98 39.62
C GLY D 151 -34.64 -22.15 38.11
N LYS D 152 -35.70 -22.76 37.58
CA LYS D 152 -35.84 -23.01 36.14
C LYS D 152 -35.68 -21.74 35.31
N ASN D 153 -34.95 -21.85 34.20
CA ASN D 153 -34.87 -20.82 33.17
C ASN D 153 -35.19 -21.55 31.85
N GLY D 154 -36.37 -21.25 31.31
CA GLY D 154 -36.99 -22.10 30.29
C GLY D 154 -37.08 -21.50 28.91
N ASN D 155 -38.14 -21.85 28.19
CA ASN D 155 -38.41 -21.32 26.85
C ASN D 155 -38.79 -19.82 26.89
N PRO D 156 -38.44 -19.05 25.84
CA PRO D 156 -38.86 -17.64 25.79
C PRO D 156 -40.37 -17.47 25.79
N SER D 157 -40.87 -16.39 26.37
CA SER D 157 -42.29 -16.06 26.34
C SER D 157 -42.63 -15.31 25.05
N GLY D 158 -43.90 -15.38 24.66
CA GLY D 158 -44.36 -14.65 23.48
C GLY D 158 -43.87 -15.18 22.13
N GLU D 159 -43.48 -16.45 22.09
CA GLU D 159 -42.96 -17.06 20.86
C GLU D 159 -43.73 -18.31 20.43
N GLY D 160 -44.90 -18.53 21.04
CA GLY D 160 -45.77 -19.64 20.66
C GLY D 160 -45.46 -20.98 21.30
N PHE D 161 -44.65 -20.97 22.37
CA PHE D 161 -44.37 -22.20 23.11
C PHE D 161 -45.56 -22.55 23.99
N THR D 162 -45.87 -23.83 24.08
CA THR D 162 -47.05 -24.31 24.83
C THR D 162 -46.67 -25.02 26.12
N SER D 163 -45.38 -25.10 26.41
CA SER D 163 -44.89 -25.63 27.68
C SER D 163 -43.49 -25.13 27.97
N GLY D 164 -43.06 -25.30 29.22
CA GLY D 164 -41.71 -24.98 29.64
C GLY D 164 -41.27 -23.52 29.60
N VAL D 165 -42.21 -22.59 29.49
CA VAL D 165 -41.89 -21.14 29.38
C VAL D 165 -41.53 -20.53 30.75
N THR D 166 -40.60 -19.58 30.76
CA THR D 166 -40.40 -18.67 31.92
C THR D 166 -40.33 -17.26 31.38
N ASN D 167 -40.51 -16.27 32.26
CA ASN D 167 -40.48 -14.88 31.85
C ASN D 167 -39.17 -14.54 31.15
N ASN D 168 -38.08 -15.15 31.60
CA ASN D 168 -36.74 -14.84 31.12
C ASN D 168 -36.17 -15.97 30.26
N GLY D 169 -37.05 -16.66 29.53
CA GLY D 169 -36.64 -17.80 28.72
C GLY D 169 -35.64 -17.50 27.62
N ARG D 170 -35.01 -18.57 27.14
CA ARG D 170 -33.91 -18.47 26.20
C ARG D 170 -33.74 -19.77 25.41
N ASP D 171 -32.79 -19.77 24.47
CA ASP D 171 -32.43 -20.93 23.67
C ASP D 171 -32.03 -22.13 24.56
N ALA D 172 -32.19 -23.33 24.04
CA ALA D 172 -32.07 -24.56 24.83
C ALA D 172 -30.65 -24.79 25.37
N LEU D 173 -29.64 -24.37 24.61
CA LEU D 173 -28.25 -24.50 25.08
C LEU D 173 -27.96 -23.69 26.35
N ARG D 174 -28.82 -22.72 26.65
CA ARG D 174 -28.67 -21.89 27.84
C ARG D 174 -29.82 -22.03 28.86
N GLN D 175 -30.65 -23.06 28.70
CA GLN D 175 -31.73 -23.37 29.66
C GLN D 175 -31.25 -24.26 30.81
N ASN D 176 -32.11 -24.42 31.81
CA ASN D 176 -31.89 -25.28 32.96
C ASN D 176 -33.23 -25.46 33.67
N GLY D 177 -33.48 -26.66 34.19
CA GLY D 177 -34.55 -26.86 35.16
C GLY D 177 -34.05 -26.48 36.55
N ASP D 178 -34.84 -26.82 37.57
CA ASP D 178 -34.42 -26.58 38.96
C ASP D 178 -33.14 -27.36 39.24
N GLY D 179 -32.26 -26.75 40.01
CA GLY D 179 -31.00 -27.38 40.36
C GLY D 179 -30.62 -27.15 41.80
N VAL D 180 -29.77 -28.05 42.31
CA VAL D 180 -29.20 -27.90 43.64
C VAL D 180 -27.74 -28.32 43.57
N GLY D 181 -26.90 -27.63 44.35
CA GLY D 181 -25.48 -27.97 44.42
C GLY D 181 -24.83 -27.61 45.73
N GLY D 182 -23.60 -28.07 45.91
CA GLY D 182 -22.84 -27.80 47.13
C GLY D 182 -21.34 -27.82 46.90
N SER D 183 -20.63 -27.11 47.76
CA SER D 183 -19.19 -27.05 47.69
C SER D 183 -18.56 -27.06 49.09
N ILE D 184 -17.39 -27.65 49.20
CA ILE D 184 -16.59 -27.59 50.41
C ILE D 184 -15.16 -27.30 50.00
N THR D 185 -14.53 -26.33 50.66
CA THR D 185 -13.11 -26.06 50.46
C THR D 185 -12.42 -25.89 51.80
N TYR D 186 -11.17 -26.33 51.87
CA TYR D 186 -10.34 -26.11 53.05
C TYR D 186 -8.97 -25.57 52.61
N ASP D 187 -8.56 -24.47 53.24
CA ASP D 187 -7.30 -23.82 52.95
C ASP D 187 -6.48 -23.69 54.22
N TYR D 188 -5.33 -24.37 54.25
CA TYR D 188 -4.41 -24.28 55.38
C TYR D 188 -3.06 -23.73 54.92
N GLU D 189 -2.70 -22.58 55.46
CA GLU D 189 -1.51 -21.85 55.04
C GLU D 189 -1.60 -21.61 53.54
N GLY D 190 -0.65 -22.16 52.76
CA GLY D 190 -0.68 -22.01 51.30
C GLY D 190 -1.54 -23.03 50.56
N PHE D 191 -1.83 -24.16 51.21
CA PHE D 191 -2.50 -25.28 50.55
C PHE D 191 -4.01 -25.14 50.51
N GLY D 192 -4.62 -25.75 49.51
CA GLY D 192 -6.08 -25.76 49.36
C GLY D 192 -6.55 -27.08 48.79
N ILE D 193 -7.70 -27.55 49.28
CA ILE D 193 -8.34 -28.77 48.76
C ILE D 193 -9.83 -28.49 48.73
N GLY D 194 -10.52 -29.01 47.73
CA GLY D 194 -11.93 -28.68 47.53
C GLY D 194 -12.69 -29.68 46.69
N GLY D 195 -14.01 -29.64 46.82
CA GLY D 195 -14.89 -30.54 46.08
C GLY D 195 -16.25 -29.88 45.90
N ALA D 196 -16.93 -30.23 44.81
CA ALA D 196 -18.26 -29.70 44.53
C ALA D 196 -19.14 -30.69 43.77
N ILE D 197 -20.45 -30.58 43.99
CA ILE D 197 -21.43 -31.41 43.29
C ILE D 197 -22.65 -30.59 42.89
N SER D 198 -23.13 -30.82 41.67
CA SER D 198 -24.34 -30.14 41.19
C SER D 198 -25.26 -31.15 40.50
N SER D 199 -26.55 -30.90 40.57
CA SER D 199 -27.56 -31.75 39.96
C SER D 199 -28.73 -30.90 39.53
N SER D 200 -28.95 -30.82 38.22
CA SER D 200 -29.98 -29.97 37.64
C SER D 200 -30.92 -30.78 36.78
N LYS D 201 -32.21 -30.51 36.91
CA LYS D 201 -33.19 -31.08 36.00
C LYS D 201 -32.93 -30.46 34.63
N ARG D 202 -33.06 -31.28 33.59
CA ARG D 202 -32.94 -30.80 32.22
C ARG D 202 -34.35 -30.60 31.66
N THR D 203 -34.53 -29.57 30.84
CA THR D 203 -35.88 -29.24 30.34
C THR D 203 -36.23 -30.05 29.07
N ASP D 204 -37.51 -30.09 28.74
CA ASP D 204 -37.97 -30.84 27.56
C ASP D 204 -37.38 -30.29 26.27
N ALA D 205 -37.24 -28.98 26.20
CA ALA D 205 -36.62 -28.32 25.05
C ALA D 205 -35.18 -28.80 24.84
N GLN D 206 -34.50 -29.19 25.91
CA GLN D 206 -33.12 -29.67 25.81
C GLN D 206 -33.03 -31.14 25.38
N ASN D 207 -34.09 -31.90 25.66
CA ASN D 207 -34.12 -33.34 25.42
C ASN D 207 -34.83 -33.72 24.12
N THR D 208 -34.54 -33.00 23.03
CA THR D 208 -35.13 -33.32 21.73
C THR D 208 -34.06 -33.95 20.84
N ALA D 209 -34.50 -34.51 19.72
CA ALA D 209 -33.60 -35.16 18.75
C ALA D 209 -32.62 -34.17 18.11
N ALA D 210 -32.94 -32.88 18.17
CA ALA D 210 -32.06 -31.85 17.64
C ALA D 210 -30.76 -31.68 18.43
N TYR D 211 -30.67 -32.26 19.62
CA TYR D 211 -29.46 -32.15 20.45
C TYR D 211 -28.95 -33.53 20.91
N ILE D 212 -27.65 -33.75 20.79
CA ILE D 212 -27.01 -34.92 21.41
C ILE D 212 -26.99 -34.76 22.94
N GLY D 213 -26.88 -35.88 23.65
CA GLY D 213 -26.79 -35.89 25.12
C GLY D 213 -28.11 -35.71 25.85
N ASN D 214 -29.15 -36.38 25.38
CA ASN D 214 -30.45 -36.38 26.04
C ASN D 214 -30.34 -37.03 27.42
N GLY D 215 -31.05 -36.50 28.40
CA GLY D 215 -31.00 -37.04 29.75
C GLY D 215 -31.92 -36.31 30.71
N ASP D 216 -32.30 -37.00 31.77
CA ASP D 216 -33.24 -36.44 32.75
C ASP D 216 -32.62 -35.29 33.54
N ARG D 217 -31.35 -35.46 33.93
CA ARG D 217 -30.65 -34.48 34.75
C ARG D 217 -29.21 -34.29 34.30
N ALA D 218 -28.67 -33.11 34.60
CA ALA D 218 -27.27 -32.78 34.38
C ALA D 218 -26.56 -32.86 35.72
N GLU D 219 -25.51 -33.68 35.83
CA GLU D 219 -24.73 -33.79 37.07
C GLU D 219 -23.25 -33.51 36.86
N THR D 220 -22.62 -32.91 37.86
CA THR D 220 -21.20 -32.62 37.84
C THR D 220 -20.54 -32.97 39.18
N TYR D 221 -19.34 -33.54 39.12
CA TYR D 221 -18.57 -33.90 40.30
C TYR D 221 -17.16 -33.38 40.11
N THR D 222 -16.68 -32.56 41.06
CA THR D 222 -15.42 -31.85 40.89
C THR D 222 -14.52 -32.02 42.12
N GLY D 223 -13.24 -32.24 41.88
CA GLY D 223 -12.20 -32.17 42.91
C GLY D 223 -11.15 -31.16 42.47
N GLY D 224 -10.56 -30.46 43.44
CA GLY D 224 -9.53 -29.50 43.14
C GLY D 224 -8.45 -29.39 44.20
N LEU D 225 -7.26 -28.97 43.77
CA LEU D 225 -6.11 -28.78 44.65
C LEU D 225 -5.43 -27.46 44.30
N LYS D 226 -4.85 -26.80 45.30
CA LYS D 226 -4.21 -25.51 45.12
C LYS D 226 -2.99 -25.36 46.02
N TYR D 227 -1.97 -24.68 45.51
CA TYR D 227 -0.86 -24.18 46.35
C TYR D 227 -0.58 -22.72 45.97
N ASP D 228 -0.57 -21.85 46.98
CA ASP D 228 -0.46 -20.41 46.77
C ASP D 228 0.38 -19.78 47.90
N ALA D 229 1.70 -19.80 47.73
CA ALA D 229 2.64 -19.17 48.67
C ALA D 229 4.01 -19.04 48.01
N ASN D 230 4.88 -18.24 48.64
CA ASN D 230 6.27 -18.09 48.20
C ASN D 230 6.43 -17.73 46.73
N ASN D 231 5.53 -16.87 46.23
CA ASN D 231 5.50 -16.43 44.81
C ASN D 231 5.23 -17.52 43.78
N ILE D 232 4.69 -18.64 44.23
CA ILE D 232 4.36 -19.79 43.38
C ILE D 232 2.86 -20.01 43.46
N TYR D 233 2.22 -20.19 42.31
CA TYR D 233 0.83 -20.59 42.25
C TYR D 233 0.71 -21.87 41.43
N LEU D 234 0.17 -22.92 42.04
CA LEU D 234 -0.09 -24.17 41.38
C LEU D 234 -1.54 -24.55 41.67
N ALA D 235 -2.26 -25.01 40.64
CA ALA D 235 -3.60 -25.55 40.87
C ALA D 235 -4.02 -26.53 39.79
N ALA D 236 -4.88 -27.47 40.18
CA ALA D 236 -5.45 -28.44 39.25
C ALA D 236 -6.87 -28.78 39.67
N GLN D 237 -7.74 -29.04 38.70
CA GLN D 237 -9.09 -29.47 38.96
C GLN D 237 -9.46 -30.60 38.01
N TYR D 238 -10.24 -31.56 38.52
CA TYR D 238 -10.78 -32.63 37.69
C TYR D 238 -12.28 -32.71 37.90
N THR D 239 -13.03 -32.76 36.81
CA THR D 239 -14.49 -32.78 36.86
C THR D 239 -15.05 -33.88 35.96
N GLN D 240 -15.99 -34.66 36.48
CA GLN D 240 -16.72 -35.64 35.71
C GLN D 240 -18.14 -35.10 35.57
N THR D 241 -18.67 -35.07 34.35
CA THR D 241 -20.00 -34.52 34.12
C THR D 241 -20.91 -35.51 33.37
N TYR D 242 -22.22 -35.36 33.56
CA TYR D 242 -23.21 -36.19 32.88
C TYR D 242 -24.31 -35.31 32.30
N ASN D 243 -24.42 -35.29 30.98
CA ASN D 243 -25.40 -34.46 30.27
C ASN D 243 -25.31 -32.98 30.68
N ALA D 244 -24.09 -32.52 30.93
CA ALA D 244 -23.86 -31.17 31.46
C ALA D 244 -22.88 -30.32 30.65
N THR D 245 -21.93 -30.97 29.98
CA THR D 245 -20.91 -30.25 29.20
C THR D 245 -21.36 -30.02 27.76
N ARG D 246 -21.37 -28.78 27.31
CA ARG D 246 -21.75 -28.52 25.92
C ARG D 246 -20.72 -29.06 24.97
N VAL D 247 -21.19 -29.55 23.83
CA VAL D 247 -20.31 -29.96 22.74
C VAL D 247 -20.54 -29.00 21.57
N GLY D 248 -19.94 -27.82 21.66
CA GLY D 248 -20.21 -26.75 20.74
C GLY D 248 -21.71 -26.52 20.61
N SER D 249 -22.19 -26.43 19.38
CA SER D 249 -23.60 -26.21 19.07
C SER D 249 -24.43 -27.49 18.97
N LEU D 250 -23.78 -28.66 19.08
CA LEU D 250 -24.45 -29.96 18.89
C LEU D 250 -25.42 -30.36 20.01
N GLY D 251 -25.21 -29.81 21.20
CA GLY D 251 -25.91 -30.26 22.41
C GLY D 251 -24.90 -30.52 23.51
N TRP D 252 -25.08 -31.62 24.25
CA TRP D 252 -24.24 -31.94 25.41
C TRP D 252 -23.60 -33.33 25.32
N ALA D 253 -22.57 -33.54 26.15
CA ALA D 253 -21.88 -34.82 26.20
C ALA D 253 -22.56 -35.75 27.19
N ASN D 254 -22.86 -36.98 26.76
CA ASN D 254 -23.44 -37.98 27.67
C ASN D 254 -22.58 -38.12 28.93
N LYS D 255 -21.28 -38.31 28.75
CA LYS D 255 -20.34 -38.16 29.83
C LYS D 255 -19.11 -37.41 29.31
N ALA D 256 -18.53 -36.57 30.17
CA ALA D 256 -17.27 -35.90 29.87
C ALA D 256 -16.36 -35.96 31.09
N GLN D 257 -15.06 -35.99 30.84
CA GLN D 257 -14.06 -35.88 31.89
C GLN D 257 -13.17 -34.68 31.61
N ASN D 258 -13.24 -33.68 32.49
CA ASN D 258 -12.52 -32.43 32.31
C ASN D 258 -11.36 -32.32 33.26
N PHE D 259 -10.22 -31.84 32.76
CA PHE D 259 -9.03 -31.62 33.58
C PHE D 259 -8.37 -30.29 33.21
N GLU D 260 -7.99 -29.53 34.22
CA GLU D 260 -7.26 -28.28 34.06
C GLU D 260 -6.13 -28.21 35.08
N ALA D 261 -4.96 -27.75 34.65
CA ALA D 261 -3.81 -27.56 35.54
C ALA D 261 -3.08 -26.26 35.17
N VAL D 262 -2.59 -25.53 36.17
CA VAL D 262 -1.84 -24.30 35.94
C VAL D 262 -0.62 -24.17 36.86
N ALA D 263 0.45 -23.61 36.32
CA ALA D 263 1.65 -23.27 37.09
C ALA D 263 2.03 -21.82 36.78
N GLN D 264 2.22 -21.03 37.83
CA GLN D 264 2.57 -19.61 37.69
C GLN D 264 3.62 -19.20 38.71
N TYR D 265 4.46 -18.25 38.34
CA TYR D 265 5.46 -17.69 39.26
C TYR D 265 5.44 -16.17 39.16
N GLN D 266 5.60 -15.50 40.29
CA GLN D 266 5.61 -14.03 40.33
C GLN D 266 7.02 -13.52 40.66
N PHE D 267 7.68 -12.94 39.66
CA PHE D 267 8.97 -12.29 39.91
C PHE D 267 8.77 -10.97 40.65
N ASP D 268 9.78 -10.59 41.43
CA ASP D 268 9.76 -9.34 42.21
C ASP D 268 9.61 -8.12 41.31
N PHE D 269 10.23 -8.17 40.14
CA PHE D 269 10.22 -7.04 39.20
C PHE D 269 8.94 -6.92 38.38
N GLY D 270 7.98 -7.83 38.56
CA GLY D 270 6.61 -7.65 38.04
C GLY D 270 6.11 -8.64 37.00
N LEU D 271 7.01 -9.47 36.48
CA LEU D 271 6.68 -10.48 35.48
C LEU D 271 6.11 -11.74 36.12
N ARG D 272 5.02 -12.22 35.52
CA ARG D 272 4.34 -13.44 35.98
C ARG D 272 4.07 -14.38 34.80
N PRO D 273 5.04 -15.28 34.50
CA PRO D 273 4.78 -16.29 33.48
C PRO D 273 3.81 -17.37 33.97
N SER D 274 3.14 -17.99 33.02
CA SER D 274 2.06 -18.93 33.29
C SER D 274 2.12 -20.08 32.28
N LEU D 275 1.93 -21.29 32.77
CA LEU D 275 1.85 -22.48 31.93
C LEU D 275 0.61 -23.25 32.34
N ALA D 276 -0.19 -23.68 31.37
CA ALA D 276 -1.40 -24.42 31.69
C ALA D 276 -1.72 -25.47 30.65
N TYR D 277 -2.48 -26.49 31.09
CA TYR D 277 -3.00 -27.52 30.20
C TYR D 277 -4.47 -27.78 30.53
N LEU D 278 -5.32 -27.76 29.49
CA LEU D 278 -6.73 -28.07 29.64
C LEU D 278 -7.15 -29.13 28.63
N GLN D 279 -8.02 -30.04 29.06
CA GLN D 279 -8.65 -31.00 28.16
C GLN D 279 -10.03 -31.39 28.64
N SER D 280 -10.90 -31.68 27.68
CA SER D 280 -12.25 -32.17 27.95
C SER D 280 -12.47 -33.37 27.02
N LYS D 281 -12.64 -34.55 27.61
CA LYS D 281 -12.79 -35.78 26.84
C LYS D 281 -14.21 -36.29 26.96
N GLY D 282 -14.92 -36.33 25.83
CA GLY D 282 -16.31 -36.78 25.80
C GLY D 282 -16.39 -38.25 25.43
N LYS D 283 -17.39 -38.93 25.98
CA LYS D 283 -17.57 -40.37 25.79
C LYS D 283 -19.01 -40.70 25.47
N ASN D 284 -19.22 -41.71 24.61
CA ASN D 284 -20.56 -42.22 24.25
C ASN D 284 -21.47 -41.09 23.73
N LEU D 285 -20.91 -40.26 22.85
CA LEU D 285 -21.54 -39.00 22.43
C LEU D 285 -22.82 -39.17 21.61
N GLY D 286 -22.92 -40.28 20.88
CA GLY D 286 -24.04 -40.52 19.98
C GLY D 286 -23.77 -40.01 18.57
N ARG D 287 -24.66 -40.37 17.65
CA ARG D 287 -24.52 -40.07 16.21
C ARG D 287 -23.23 -40.60 15.56
N GLY D 288 -22.65 -41.64 16.14
CA GLY D 288 -21.40 -42.21 15.64
C GLY D 288 -20.14 -41.48 16.06
N TYR D 289 -20.28 -40.41 16.83
CA TYR D 289 -19.11 -39.64 17.29
C TYR D 289 -18.27 -40.45 18.28
N ASP D 290 -18.94 -41.28 19.08
CA ASP D 290 -18.27 -42.12 20.08
C ASP D 290 -17.41 -41.26 21.02
N ASP D 291 -16.15 -41.62 21.22
CA ASP D 291 -15.28 -40.86 22.12
C ASP D 291 -14.48 -39.81 21.34
N GLU D 292 -14.57 -38.56 21.78
CA GLU D 292 -13.92 -37.45 21.10
C GLU D 292 -13.42 -36.40 22.10
N ASP D 293 -12.29 -35.76 21.77
CA ASP D 293 -11.82 -34.59 22.50
C ASP D 293 -12.72 -33.40 22.18
N ILE D 294 -13.27 -32.78 23.22
CA ILE D 294 -14.07 -31.57 23.07
C ILE D 294 -13.17 -30.33 23.16
N LEU D 295 -12.12 -30.43 23.94
CA LEU D 295 -11.16 -29.35 24.17
C LEU D 295 -9.83 -30.00 24.49
N LYS D 296 -8.74 -29.43 23.99
CA LYS D 296 -7.38 -29.88 24.34
C LYS D 296 -6.35 -28.82 23.94
N TYR D 297 -5.76 -28.14 24.92
CA TYR D 297 -4.72 -27.16 24.60
C TYR D 297 -3.73 -26.88 25.72
N VAL D 298 -2.54 -26.45 25.29
CA VAL D 298 -1.50 -25.96 26.19
C VAL D 298 -1.48 -24.45 26.04
N ASP D 299 -1.45 -23.78 27.18
CA ASP D 299 -1.45 -22.32 27.20
C ASP D 299 -0.14 -21.85 27.83
N VAL D 300 0.62 -21.07 27.08
CA VAL D 300 1.81 -20.43 27.61
C VAL D 300 1.66 -18.93 27.49
N GLY D 301 1.90 -18.22 28.60
CA GLY D 301 1.75 -16.77 28.59
C GLY D 301 2.52 -16.10 29.69
N ALA D 302 2.39 -14.78 29.74
CA ALA D 302 2.99 -13.98 30.78
C ALA D 302 2.26 -12.65 30.92
N THR D 303 2.18 -12.17 32.15
CA THR D 303 1.66 -10.84 32.42
C THR D 303 2.76 -10.03 33.04
N TYR D 304 2.86 -8.77 32.63
CA TYR D 304 3.74 -7.83 33.31
C TYR D 304 2.89 -6.78 34.05
N TYR D 305 3.07 -6.72 35.37
CA TYR D 305 2.36 -5.77 36.19
C TYR D 305 3.23 -4.54 36.38
N PHE D 306 2.77 -3.40 35.85
CA PHE D 306 3.43 -2.14 36.11
C PHE D 306 3.11 -1.71 37.54
N ASN D 307 1.84 -1.83 37.89
CA ASN D 307 1.40 -1.71 39.27
C ASN D 307 0.04 -2.39 39.40
N LYS D 308 -0.69 -2.11 40.48
CA LYS D 308 -2.03 -2.70 40.68
C LYS D 308 -3.11 -2.14 39.73
N ASN D 309 -2.77 -1.11 38.96
CA ASN D 309 -3.74 -0.50 38.03
C ASN D 309 -3.40 -0.64 36.54
N MET D 310 -2.19 -1.05 36.20
CA MET D 310 -1.79 -1.18 34.80
C MET D 310 -0.96 -2.43 34.57
N SER D 311 -1.31 -3.17 33.54
CA SER D 311 -0.61 -4.37 33.17
C SER D 311 -0.74 -4.64 31.69
N THR D 312 0.15 -5.49 31.19
CA THR D 312 0.14 -5.93 29.79
C THR D 312 0.43 -7.43 29.77
N TYR D 313 -0.10 -8.13 28.78
CA TYR D 313 0.10 -9.59 28.69
C TYR D 313 0.12 -10.12 27.27
N VAL D 314 0.75 -11.29 27.13
CA VAL D 314 0.68 -12.12 25.94
C VAL D 314 0.27 -13.51 26.41
N ASP D 315 -0.69 -14.10 25.70
CA ASP D 315 -1.13 -15.47 25.96
C ASP D 315 -1.16 -16.25 24.63
N TYR D 316 -0.54 -17.42 24.61
CA TYR D 316 -0.41 -18.24 23.40
C TYR D 316 -1.15 -19.57 23.62
N LYS D 317 -2.26 -19.74 22.92
CA LYS D 317 -3.04 -20.96 22.99
C LYS D 317 -2.53 -21.91 21.91
N ILE D 318 -1.79 -22.92 22.34
CA ILE D 318 -1.32 -23.96 21.41
C ILE D 318 -2.37 -25.06 21.38
N ASN D 319 -3.17 -25.06 20.32
CA ASN D 319 -4.38 -25.88 20.23
C ASN D 319 -4.10 -27.27 19.65
N LEU D 320 -4.21 -28.29 20.51
CA LEU D 320 -3.85 -29.66 20.15
C LEU D 320 -4.99 -30.43 19.47
N LEU D 321 -6.20 -29.86 19.41
CA LEU D 321 -7.28 -30.44 18.62
C LEU D 321 -6.92 -30.41 17.14
N ASP D 322 -7.26 -31.50 16.46
CA ASP D 322 -7.09 -31.60 15.01
C ASP D 322 -8.42 -31.39 14.31
N ASP D 323 -8.34 -30.80 13.12
CA ASP D 323 -9.50 -30.52 12.29
C ASP D 323 -10.07 -31.84 11.77
N ASN D 324 -11.26 -32.20 12.26
CA ASN D 324 -11.97 -33.40 11.81
C ASN D 324 -13.45 -33.13 11.68
N GLN D 325 -14.19 -34.13 11.21
CA GLN D 325 -15.63 -34.02 10.98
C GLN D 325 -16.35 -33.56 12.25
N PHE D 326 -16.03 -34.19 13.37
CA PHE D 326 -16.66 -33.89 14.66
C PHE D 326 -16.50 -32.41 15.05
N THR D 327 -15.27 -31.90 15.06
CA THR D 327 -15.03 -30.49 15.42
C THR D 327 -15.67 -29.53 14.40
N ARG D 328 -15.66 -29.90 13.12
CA ARG D 328 -16.35 -29.13 12.08
C ARG D 328 -17.87 -29.04 12.37
N ASP D 329 -18.50 -30.19 12.63
CA ASP D 329 -19.94 -30.22 12.92
C ASP D 329 -20.29 -29.38 14.16
N ALA D 330 -19.47 -29.47 15.20
CA ALA D 330 -19.74 -28.76 16.45
C ALA D 330 -19.31 -27.29 16.43
N GLY D 331 -18.48 -26.92 15.46
CA GLY D 331 -17.96 -25.56 15.38
C GLY D 331 -16.93 -25.26 16.46
N ILE D 332 -16.11 -26.24 16.79
CA ILE D 332 -15.09 -26.08 17.82
C ILE D 332 -13.80 -25.57 17.17
N ASN D 333 -13.22 -24.51 17.73
CA ASN D 333 -11.94 -23.97 17.22
C ASN D 333 -10.77 -24.93 17.41
N THR D 334 -10.03 -25.18 16.34
CA THR D 334 -8.87 -26.08 16.40
C THR D 334 -7.54 -25.38 16.09
N ASP D 335 -7.59 -24.07 15.83
CA ASP D 335 -6.41 -23.29 15.49
C ASP D 335 -5.77 -22.69 16.74
N ASN D 336 -4.48 -22.40 16.68
CA ASN D 336 -3.80 -21.68 17.76
C ASN D 336 -4.24 -20.22 17.78
N ILE D 337 -4.09 -19.57 18.92
CA ILE D 337 -4.36 -18.13 19.03
C ILE D 337 -3.29 -17.45 19.88
N VAL D 338 -2.82 -16.30 19.44
CA VAL D 338 -1.96 -15.43 20.25
C VAL D 338 -2.77 -14.20 20.63
N ALA D 339 -2.83 -13.90 21.92
CA ALA D 339 -3.51 -12.70 22.43
C ALA D 339 -2.48 -11.73 23.00
N LEU D 340 -2.67 -10.45 22.73
CA LEU D 340 -1.84 -9.39 23.25
C LEU D 340 -2.77 -8.39 23.86
N GLY D 341 -2.55 -8.06 25.12
CA GLY D 341 -3.45 -7.19 25.86
C GLY D 341 -2.72 -6.14 26.63
N LEU D 342 -3.37 -4.98 26.78
CA LEU D 342 -2.89 -3.87 27.58
C LEU D 342 -4.08 -3.40 28.38
N VAL D 343 -3.95 -3.40 29.71
CA VAL D 343 -5.09 -3.26 30.61
C VAL D 343 -4.87 -2.17 31.65
N TYR D 344 -5.79 -1.21 31.67
CA TYR D 344 -5.89 -0.25 32.75
C TYR D 344 -7.08 -0.68 33.60
N GLN D 345 -6.92 -0.64 34.91
CA GLN D 345 -8.02 -0.97 35.83
C GLN D 345 -8.04 -0.09 37.06
N PHE D 346 -9.24 0.06 37.61
CA PHE D 346 -9.44 0.82 38.85
C PHE D 346 -10.36 0.08 39.81
#